data_7QEL
#
_entry.id   7QEL
#
_cell.length_a   81.350
_cell.length_b   81.397
_cell.length_c   168.405
_cell.angle_alpha   90.000
_cell.angle_beta   90.000
_cell.angle_gamma   90.000
#
_symmetry.space_group_name_H-M   'P 21 21 21'
#
loop_
_entity.id
_entity.type
_entity.pdbx_description
1 polymer 'N-glycosylase/DNA lyase'
2 non-polymer (2~{R})-~{N}-(4,5,6,7-tetrahydro-1,2-benzoxazol-3-yl)spiro[2.3]hexane-2-carboxamide
3 non-polymer 'NICKEL (II) ION'
4 water water
#
_entity_poly.entity_id   1
_entity_poly.type   'polypeptide(L)'
_entity_poly.pdbx_seq_one_letter_code
;GSHMRHRTLSSSPALWASIPCPRSELRLDLVLASGQSFRWKEQSPAHWSGVLADQVWTLTQTEDQLYCTVYRGDDSQVSR
PTLEELETLHKYFQLDVSLAQLYSHWASVDSHFQRVAQKFQGVRLLRQDPTECLFSFICSSNNNIARITGMVERLCQAFG
PRLIQLDDVTYHGFPNLHALAGPEAETHLRKLGLGYRARYVRASAKAILEEQGGPAWLQQLRVAPYEEAHKALCTLPGVG
AKVADCICLMALDKPQAVPVDVHVWQIAHRDYGWHPKTSQAKGPSPLANKELGNFFRNLWGPYAGWAQAVLFSADLRQ
;
_entity_poly.pdbx_strand_id   AAA,BBB,CCC
#
loop_
_chem_comp.id
_chem_comp.type
_chem_comp.name
_chem_comp.formula
AUS non-polymer (2~{R})-~{N}-(4,5,6,7-tetrahydro-1,2-benzoxazol-3-yl)spiro[2.3]hexane-2-carboxamide 'C14 H18 N2 O2'
NI non-polymer 'NICKEL (II) ION' 'Ni 2'
#
# COMPACT_ATOMS: atom_id res chain seq x y z
N HIS A 3 -38.97 3.21 27.95
CA HIS A 3 -39.61 4.56 28.05
C HIS A 3 -39.41 5.33 26.74
N MET A 4 -38.16 5.45 26.28
CA MET A 4 -37.77 6.08 24.99
C MET A 4 -36.66 5.25 24.34
N ARG A 5 -36.40 5.47 23.05
CA ARG A 5 -35.34 4.76 22.28
C ARG A 5 -34.84 5.61 21.11
N HIS A 6 -33.78 5.14 20.43
CA HIS A 6 -33.12 5.80 19.28
C HIS A 6 -34.12 6.00 18.14
N ARG A 7 -34.19 7.22 17.61
CA ARG A 7 -35.04 7.57 16.43
C ARG A 7 -34.30 7.21 15.14
N THR A 8 -35.04 6.74 14.14
CA THR A 8 -34.60 6.59 12.73
C THR A 8 -35.44 7.54 11.87
N LEU A 9 -35.05 7.74 10.61
CA LEU A 9 -35.75 8.63 9.64
C LEU A 9 -37.07 7.98 9.24
N SER A 10 -37.15 6.65 9.33
CA SER A 10 -38.37 5.83 9.11
C SER A 10 -39.36 6.01 10.27
N SER A 11 -38.88 5.80 11.51
CA SER A 11 -39.67 5.75 12.76
C SER A 11 -40.52 7.01 12.94
N SER A 12 -39.88 8.18 12.95
CA SER A 12 -40.46 9.45 13.44
C SER A 12 -39.95 10.63 12.61
N PRO A 13 -40.32 10.73 11.31
CA PRO A 13 -39.84 11.81 10.45
C PRO A 13 -40.30 13.22 10.85
N ALA A 14 -41.28 13.31 11.77
CA ALA A 14 -41.84 14.58 12.29
C ALA A 14 -40.85 15.26 13.26
N LEU A 15 -39.84 14.54 13.74
CA LEU A 15 -38.86 15.04 14.76
C LEU A 15 -37.50 15.31 14.12
N TRP A 16 -37.40 15.32 12.78
CA TRP A 16 -36.14 15.55 12.02
C TRP A 16 -36.19 16.89 11.29
N ALA A 17 -35.07 17.63 11.34
CA ALA A 17 -34.80 18.84 10.53
C ALA A 17 -33.64 18.55 9.58
N SER A 18 -33.68 19.11 8.36
CA SER A 18 -32.65 18.93 7.30
C SER A 18 -31.74 20.16 7.26
N ILE A 19 -30.46 19.95 6.94
CA ILE A 19 -29.48 21.01 6.57
C ILE A 19 -28.97 20.70 5.17
N PRO A 20 -29.14 21.61 4.19
CA PRO A 20 -28.73 21.33 2.81
C PRO A 20 -27.20 21.23 2.75
N CYS A 21 -26.71 20.00 2.51
CA CYS A 21 -25.27 19.62 2.66
C CYS A 21 -24.94 18.44 1.75
N PRO A 22 -24.20 18.66 0.64
CA PRO A 22 -23.74 17.56 -0.21
C PRO A 22 -22.84 16.56 0.55
N ARG A 23 -22.73 15.33 0.03
CA ARG A 23 -21.86 14.27 0.61
C ARG A 23 -20.40 14.50 0.18
N SER A 24 -20.15 15.48 -0.69
CA SER A 24 -18.80 15.96 -1.08
C SER A 24 -18.31 17.03 -0.08
N GLU A 25 -19.20 17.54 0.76
CA GLU A 25 -18.90 18.52 1.84
C GLU A 25 -18.80 17.81 3.19
N LEU A 26 -19.51 16.69 3.38
CA LEU A 26 -19.56 15.95 4.67
C LEU A 26 -19.97 14.49 4.46
N ARG A 27 -19.14 13.55 4.93
CA ARG A 27 -19.45 12.10 5.06
C ARG A 27 -19.32 11.71 6.53
N LEU A 28 -20.44 11.58 7.24
CA LEU A 28 -20.53 11.23 8.68
C LEU A 28 -19.64 10.02 9.00
N ASP A 29 -19.63 9.00 8.14
CA ASP A 29 -18.96 7.70 8.38
C ASP A 29 -17.44 7.83 8.22
N LEU A 30 -16.93 8.95 7.67
CA LEU A 30 -15.47 9.21 7.53
C LEU A 30 -15.00 10.25 8.57
N VAL A 31 -15.91 10.76 9.41
CA VAL A 31 -15.63 11.92 10.32
C VAL A 31 -15.96 11.54 11.77
N LEU A 32 -17.20 11.13 12.05
CA LEU A 32 -17.76 11.05 13.43
C LEU A 32 -17.02 10.00 14.27
N ALA A 33 -16.38 9.00 13.66
CA ALA A 33 -15.59 7.96 14.36
C ALA A 33 -14.25 7.73 13.66
N SER A 34 -13.48 8.81 13.41
CA SER A 34 -12.19 8.78 12.68
C SER A 34 -11.09 9.52 13.45
N GLY A 35 -11.06 9.34 14.77
CA GLY A 35 -9.98 9.84 15.66
C GLY A 35 -10.05 11.33 15.91
N GLN A 36 -11.22 11.94 15.73
CA GLN A 36 -11.49 13.37 16.09
C GLN A 36 -12.32 13.39 17.38
N SER A 37 -13.60 13.02 17.28
CA SER A 37 -14.52 12.80 18.42
C SER A 37 -14.59 11.29 18.71
N PHE A 38 -14.81 10.92 19.98
CA PHE A 38 -14.93 9.51 20.46
C PHE A 38 -16.27 9.32 21.15
N ARG A 39 -17.27 10.16 20.82
CA ARG A 39 -18.59 10.22 21.51
C ARG A 39 -19.71 9.99 20.50
N TRP A 40 -19.42 9.39 19.34
CA TRP A 40 -20.43 9.05 18.29
C TRP A 40 -20.41 7.55 18.02
N LYS A 41 -21.60 6.93 17.95
CA LYS A 41 -21.77 5.49 17.66
C LYS A 41 -22.92 5.30 16.67
N GLU A 42 -22.73 4.39 15.70
CA GLU A 42 -23.75 3.98 14.70
C GLU A 42 -24.68 2.96 15.37
N GLN A 43 -25.59 3.44 16.23
CA GLN A 43 -26.49 2.60 17.07
C GLN A 43 -27.44 1.81 16.17
N SER A 44 -27.94 2.44 15.09
CA SER A 44 -28.62 1.77 13.95
C SER A 44 -27.90 2.14 12.66
N PRO A 45 -27.89 1.26 11.64
CA PRO A 45 -27.16 1.52 10.40
C PRO A 45 -27.46 2.89 9.77
N ALA A 46 -26.40 3.66 9.49
CA ALA A 46 -26.41 5.00 8.86
C ALA A 46 -27.01 6.06 9.80
N HIS A 47 -27.18 5.73 11.09
CA HIS A 47 -27.76 6.63 12.13
C HIS A 47 -26.75 6.78 13.27
N TRP A 48 -26.10 7.94 13.35
CA TRP A 48 -25.01 8.24 14.32
C TRP A 48 -25.58 9.03 15.50
N SER A 49 -25.53 8.47 16.71
CA SER A 49 -25.96 9.12 17.96
C SER A 49 -24.73 9.51 18.79
N GLY A 50 -24.83 10.65 19.48
CA GLY A 50 -23.78 11.17 20.37
C GLY A 50 -24.28 12.37 21.15
N VAL A 51 -23.49 12.88 22.10
CA VAL A 51 -23.88 14.01 22.98
C VAL A 51 -23.10 15.26 22.53
N LEU A 52 -23.81 16.38 22.41
CA LEU A 52 -23.27 17.71 22.03
C LEU A 52 -23.78 18.76 23.02
N ALA A 53 -22.94 19.12 24.01
CA ALA A 53 -23.15 20.24 24.96
C ALA A 53 -24.50 20.09 25.68
N ASP A 54 -24.63 19.06 26.52
CA ASP A 54 -25.80 18.83 27.42
C ASP A 54 -27.03 18.38 26.63
N GLN A 55 -26.86 17.93 25.39
CA GLN A 55 -27.95 17.40 24.53
C GLN A 55 -27.43 16.18 23.75
N VAL A 56 -28.30 15.20 23.49
CA VAL A 56 -28.00 14.03 22.60
C VAL A 56 -28.60 14.31 21.22
N TRP A 57 -27.86 13.99 20.16
CA TRP A 57 -28.29 14.08 18.74
C TRP A 57 -28.23 12.69 18.10
N THR A 58 -29.09 12.45 17.12
CA THR A 58 -28.93 11.36 16.09
C THR A 58 -28.83 12.03 14.73
N LEU A 59 -27.82 11.63 13.94
CA LEU A 59 -27.53 12.20 12.59
C LEU A 59 -27.57 11.09 11.55
N THR A 60 -28.25 11.36 10.42
CA THR A 60 -28.19 10.57 9.17
C THR A 60 -28.19 11.56 8.00
N GLN A 61 -27.96 11.11 6.77
CA GLN A 61 -27.86 12.00 5.58
C GLN A 61 -28.21 11.23 4.30
N THR A 62 -28.66 11.97 3.27
CA THR A 62 -28.86 11.49 1.87
C THR A 62 -27.66 11.97 1.04
N GLU A 63 -27.87 12.31 -0.24
CA GLU A 63 -26.81 12.77 -1.17
C GLU A 63 -26.54 14.26 -0.94
N ASP A 64 -27.57 15.05 -0.65
CA ASP A 64 -27.46 16.52 -0.48
C ASP A 64 -28.38 17.02 0.65
N GLN A 65 -28.59 16.20 1.68
CA GLN A 65 -29.33 16.60 2.92
C GLN A 65 -28.70 15.89 4.13
N LEU A 66 -28.34 16.67 5.15
CA LEU A 66 -27.95 16.17 6.51
C LEU A 66 -29.17 16.26 7.43
N TYR A 67 -29.72 15.11 7.83
CA TYR A 67 -30.91 14.99 8.70
C TYR A 67 -30.46 14.83 10.16
N CYS A 68 -31.05 15.59 11.08
CA CYS A 68 -30.72 15.60 12.53
C CYS A 68 -31.99 15.71 13.38
N THR A 69 -31.95 15.11 14.58
CA THR A 69 -33.04 15.12 15.59
C THR A 69 -32.40 15.25 16.98
N VAL A 70 -33.06 15.97 17.92
CA VAL A 70 -32.53 16.26 19.28
C VAL A 70 -33.36 15.51 20.33
N TYR A 71 -32.69 14.99 21.36
CA TYR A 71 -33.30 14.50 22.63
C TYR A 71 -32.83 15.43 23.75
N ARG A 72 -33.71 16.30 24.23
CA ARG A 72 -33.39 17.34 25.26
C ARG A 72 -33.49 16.73 26.67
N GLY A 73 -34.12 15.56 26.79
CA GLY A 73 -34.31 14.86 28.08
C GLY A 73 -35.32 15.58 28.97
N ASP A 74 -35.25 15.36 30.28
CA ASP A 74 -36.15 15.95 31.30
C ASP A 74 -37.60 15.53 31.04
N ASP A 75 -37.80 14.46 30.26
CA ASP A 75 -39.13 13.98 29.76
C ASP A 75 -40.03 15.17 29.43
N SER A 76 -39.51 16.14 28.66
CA SER A 76 -40.25 17.36 28.21
C SER A 76 -40.80 17.12 26.80
N GLN A 77 -41.74 17.97 26.36
CA GLN A 77 -42.45 17.87 25.05
C GLN A 77 -41.42 17.77 23.92
N VAL A 78 -41.32 16.59 23.29
CA VAL A 78 -40.36 16.30 22.18
C VAL A 78 -40.76 17.13 20.96
N SER A 79 -39.78 17.58 20.17
CA SER A 79 -39.98 18.42 18.96
C SER A 79 -38.76 18.34 18.03
N ARG A 80 -38.89 18.90 16.82
CA ARG A 80 -37.78 19.12 15.84
C ARG A 80 -36.65 19.91 16.50
N PRO A 81 -35.44 19.93 15.91
CA PRO A 81 -34.40 20.88 16.29
C PRO A 81 -34.86 22.32 16.01
N THR A 82 -34.43 23.27 16.85
CA THR A 82 -34.74 24.73 16.75
C THR A 82 -33.74 25.39 15.80
N LEU A 83 -33.88 26.70 15.58
CA LEU A 83 -32.97 27.52 14.73
C LEU A 83 -31.58 27.56 15.37
N GLU A 84 -31.51 27.84 16.68
CA GLU A 84 -30.25 27.98 17.46
C GLU A 84 -29.51 26.64 17.51
N GLU A 85 -30.24 25.53 17.58
CA GLU A 85 -29.67 24.15 17.70
C GLU A 85 -29.11 23.70 16.36
N LEU A 86 -29.65 24.19 15.24
CA LEU A 86 -29.13 23.89 13.87
C LEU A 86 -27.87 24.71 13.61
N GLU A 87 -27.80 25.94 14.12
CA GLU A 87 -26.59 26.81 14.09
C GLU A 87 -25.44 26.10 14.84
N THR A 88 -25.75 25.53 16.00
CA THR A 88 -24.82 24.73 16.84
C THR A 88 -24.21 23.61 16.01
N LEU A 89 -25.03 22.91 15.22
CA LEU A 89 -24.60 21.77 14.37
C LEU A 89 -23.82 22.28 13.16
N HIS A 90 -24.24 23.43 12.60
CA HIS A 90 -23.58 24.11 11.46
C HIS A 90 -22.15 24.52 11.86
N LYS A 91 -22.01 25.11 13.05
CA LYS A 91 -20.71 25.55 13.63
C LYS A 91 -19.84 24.33 13.94
N TYR A 92 -20.46 23.23 14.39
CA TYR A 92 -19.77 21.99 14.83
C TYR A 92 -19.07 21.33 13.64
N PHE A 93 -19.69 21.36 12.46
CA PHE A 93 -19.15 20.79 11.20
C PHE A 93 -18.42 21.88 10.40
N GLN A 94 -18.41 23.13 10.88
CA GLN A 94 -17.72 24.28 10.24
C GLN A 94 -18.13 24.35 8.75
N LEU A 95 -19.44 24.31 8.47
CA LEU A 95 -20.00 24.13 7.11
C LEU A 95 -19.86 25.42 6.29
N ASP A 96 -19.66 26.58 6.92
CA ASP A 96 -19.46 27.89 6.23
C ASP A 96 -18.22 27.79 5.33
N VAL A 97 -17.17 27.08 5.78
CA VAL A 97 -15.92 26.83 5.00
C VAL A 97 -16.23 25.78 3.92
N SER A 98 -15.94 26.10 2.66
CA SER A 98 -16.08 25.20 1.48
C SER A 98 -14.95 24.18 1.48
N LEU A 99 -15.28 22.89 1.52
CA LEU A 99 -14.31 21.76 1.58
C LEU A 99 -13.87 21.40 0.16
N ALA A 100 -14.77 21.50 -0.83
CA ALA A 100 -14.51 21.22 -2.26
C ALA A 100 -13.37 22.12 -2.76
N GLN A 101 -13.43 23.42 -2.45
CA GLN A 101 -12.40 24.43 -2.83
C GLN A 101 -11.07 24.07 -2.17
N LEU A 102 -11.09 23.68 -0.89
CA LEU A 102 -9.90 23.26 -0.12
C LEU A 102 -9.29 22.00 -0.75
N TYR A 103 -10.13 20.99 -1.02
CA TYR A 103 -9.73 19.70 -1.65
C TYR A 103 -8.97 19.98 -2.96
N SER A 104 -9.49 20.87 -3.80
CA SER A 104 -8.91 21.23 -5.12
C SER A 104 -7.60 22.00 -4.92
N HIS A 105 -7.56 22.91 -3.95
CA HIS A 105 -6.36 23.73 -3.60
C HIS A 105 -5.21 22.82 -3.15
N TRP A 106 -5.49 21.83 -2.30
CA TRP A 106 -4.49 20.86 -1.77
C TRP A 106 -4.01 19.95 -2.91
N ALA A 107 -4.93 19.52 -3.78
CA ALA A 107 -4.67 18.61 -4.93
C ALA A 107 -3.72 19.26 -5.93
N SER A 108 -3.80 20.59 -6.09
CA SER A 108 -3.04 21.39 -7.10
C SER A 108 -1.53 21.20 -6.93
N VAL A 109 -1.06 20.94 -5.70
CA VAL A 109 0.39 20.86 -5.34
C VAL A 109 0.76 19.45 -4.85
N ASP A 110 -0.20 18.52 -4.75
CA ASP A 110 0.00 17.18 -4.14
C ASP A 110 -0.74 16.12 -4.97
N SER A 111 0.01 15.35 -5.78
CA SER A 111 -0.51 14.29 -6.67
C SER A 111 -1.03 13.11 -5.83
N HIS A 112 -0.37 12.81 -4.71
CA HIS A 112 -0.75 11.70 -3.79
C HIS A 112 -2.11 11.99 -3.17
N PHE A 113 -2.31 13.20 -2.62
CA PHE A 113 -3.58 13.66 -2.01
C PHE A 113 -4.72 13.53 -3.03
N GLN A 114 -4.46 13.93 -4.28
CA GLN A 114 -5.44 13.93 -5.39
C GLN A 114 -6.00 12.51 -5.61
N ARG A 115 -5.14 11.49 -5.58
CA ARG A 115 -5.52 10.07 -5.77
C ARG A 115 -6.41 9.60 -4.60
N VAL A 116 -6.02 9.96 -3.37
CA VAL A 116 -6.74 9.59 -2.11
C VAL A 116 -8.05 10.39 -2.03
N ALA A 117 -8.01 11.67 -2.39
CA ALA A 117 -9.16 12.61 -2.39
C ALA A 117 -10.33 12.04 -3.19
N GLN A 118 -10.04 11.44 -4.36
CA GLN A 118 -11.03 10.85 -5.30
C GLN A 118 -12.04 9.99 -4.51
N LYS A 119 -11.54 9.04 -3.73
CA LYS A 119 -12.35 8.00 -3.03
C LYS A 119 -12.97 8.55 -1.74
N PHE A 120 -12.22 9.40 -1.01
CA PHE A 120 -12.55 9.86 0.37
C PHE A 120 -12.91 11.35 0.37
N GLN A 121 -14.15 11.67 0.00
CA GLN A 121 -14.71 13.05 -0.01
C GLN A 121 -15.48 13.29 1.29
N GLY A 122 -15.68 14.57 1.66
CA GLY A 122 -16.48 14.98 2.82
C GLY A 122 -15.82 14.67 4.15
N VAL A 123 -14.49 14.51 4.17
CA VAL A 123 -13.69 14.40 5.42
C VAL A 123 -13.33 15.82 5.87
N ARG A 124 -14.04 16.36 6.86
CA ARG A 124 -13.79 17.72 7.40
C ARG A 124 -13.46 17.62 8.89
N LEU A 125 -13.10 18.76 9.50
CA LEU A 125 -12.71 18.87 10.92
C LEU A 125 -13.92 19.33 11.74
N LEU A 126 -14.24 18.58 12.80
CA LEU A 126 -15.26 18.97 13.81
C LEU A 126 -14.68 20.13 14.63
N ARG A 127 -15.51 21.09 15.00
CA ARG A 127 -15.16 22.18 15.96
C ARG A 127 -15.65 21.76 17.35
N GLN A 128 -14.79 21.06 18.10
CA GLN A 128 -15.12 20.42 19.40
C GLN A 128 -14.96 21.41 20.55
N ASP A 129 -15.49 21.04 21.72
CA ASP A 129 -15.29 21.73 23.02
C ASP A 129 -13.86 21.49 23.48
N PRO A 130 -13.12 22.54 23.92
CA PRO A 130 -11.74 22.38 24.37
C PRO A 130 -11.53 21.38 25.50
N THR A 131 -12.37 21.44 26.55
CA THR A 131 -12.30 20.56 27.75
C THR A 131 -12.45 19.11 27.31
N GLU A 132 -13.52 18.79 26.61
CA GLU A 132 -13.84 17.44 26.05
C GLU A 132 -12.64 16.95 25.24
N CYS A 133 -12.14 17.79 24.34
CA CYS A 133 -11.05 17.46 23.37
C CYS A 133 -9.73 17.21 24.14
N LEU A 134 -9.38 18.12 25.06
CA LEU A 134 -8.13 18.05 25.86
C LEU A 134 -8.01 16.68 26.54
N PHE A 135 -9.03 16.30 27.33
CA PHE A 135 -9.02 15.10 28.20
C PHE A 135 -9.21 13.83 27.36
N SER A 136 -9.91 13.92 26.23
CA SER A 136 -10.07 12.79 25.26
C SER A 136 -8.69 12.42 24.69
N PHE A 137 -7.84 13.40 24.41
CA PHE A 137 -6.52 13.20 23.75
C PHE A 137 -5.42 12.96 24.79
N ILE A 138 -5.70 13.22 26.08
CA ILE A 138 -4.84 12.76 27.21
C ILE A 138 -5.03 11.23 27.37
N CYS A 139 -6.21 10.71 27.03
CA CYS A 139 -6.55 9.26 27.04
C CYS A 139 -6.04 8.56 25.77
N SER A 140 -5.56 9.30 24.78
CA SER A 140 -5.21 8.80 23.42
C SER A 140 -3.81 8.17 23.39
N SER A 141 -2.91 8.59 24.28
CA SER A 141 -1.49 8.14 24.34
C SER A 141 -1.43 6.61 24.38
N ASN A 142 -0.65 6.00 23.47
CA ASN A 142 -0.43 4.54 23.35
C ASN A 142 -1.77 3.80 23.45
N ASN A 143 -2.74 4.20 22.62
CA ASN A 143 -4.15 3.72 22.68
C ASN A 143 -4.72 3.61 21.26
N ASN A 144 -5.88 2.96 21.12
CA ASN A 144 -6.61 2.80 19.84
C ASN A 144 -8.01 3.39 19.98
N ILE A 145 -8.69 3.67 18.86
CA ILE A 145 -10.03 4.34 18.82
C ILE A 145 -11.01 3.57 19.71
N ALA A 146 -10.97 2.24 19.69
CA ALA A 146 -11.90 1.34 20.41
C ALA A 146 -11.77 1.55 21.93
N ARG A 147 -10.54 1.50 22.45
CA ARG A 147 -10.24 1.58 23.90
C ARG A 147 -10.46 3.01 24.40
N ILE A 148 -10.10 4.02 23.61
CA ILE A 148 -10.28 5.47 23.95
C ILE A 148 -11.78 5.75 24.11
N THR A 149 -12.59 5.22 23.19
CA THR A 149 -14.08 5.37 23.15
C THR A 149 -14.68 4.77 24.42
N GLY A 150 -14.10 3.67 24.92
CA GLY A 150 -14.49 3.03 26.20
C GLY A 150 -14.17 3.93 27.39
N MET A 151 -12.90 4.33 27.53
CA MET A 151 -12.40 5.16 28.65
C MET A 151 -13.22 6.45 28.76
N VAL A 152 -13.49 7.11 27.64
CA VAL A 152 -14.23 8.40 27.58
C VAL A 152 -15.68 8.18 28.03
N GLU A 153 -16.34 7.13 27.54
CA GLU A 153 -17.75 6.79 27.91
C GLU A 153 -17.84 6.56 29.42
N ARG A 154 -16.94 5.74 29.97
CA ARG A 154 -16.91 5.36 31.41
C ARG A 154 -16.59 6.59 32.27
N LEU A 155 -15.66 7.45 31.81
CA LEU A 155 -15.26 8.71 32.49
C LEU A 155 -16.48 9.62 32.63
N CYS A 156 -17.26 9.79 31.56
CA CYS A 156 -18.46 10.68 31.51
C CYS A 156 -19.59 10.08 32.36
N GLN A 157 -19.73 8.75 32.40
CA GLN A 157 -20.73 8.05 33.25
C GLN A 157 -20.41 8.31 34.73
N ALA A 158 -19.14 8.19 35.11
CA ALA A 158 -18.64 8.27 36.51
C ALA A 158 -18.72 9.71 37.03
N PHE A 159 -18.31 10.69 36.22
CA PHE A 159 -18.07 12.10 36.66
C PHE A 159 -19.07 13.07 36.05
N GLY A 160 -19.56 12.81 34.82
CA GLY A 160 -20.42 13.74 34.06
C GLY A 160 -21.90 13.59 34.40
N PRO A 161 -22.73 14.65 34.22
CA PRO A 161 -24.15 14.58 34.54
C PRO A 161 -24.94 13.76 33.52
N ARG A 162 -25.93 12.99 33.99
CA ARG A 162 -26.79 12.11 33.15
C ARG A 162 -27.77 12.98 32.37
N LEU A 163 -28.00 12.65 31.08
CA LEU A 163 -28.84 13.44 30.15
C LEU A 163 -30.13 12.67 29.85
N ILE A 164 -30.01 11.46 29.29
CA ILE A 164 -31.16 10.63 28.83
C ILE A 164 -30.69 9.18 28.63
N GLN A 165 -31.64 8.23 28.61
CA GLN A 165 -31.41 6.81 28.22
C GLN A 165 -32.23 6.51 26.97
N LEU A 166 -31.58 5.91 25.96
CA LEU A 166 -32.21 5.38 24.72
C LEU A 166 -31.78 3.91 24.58
N ASP A 167 -32.74 3.00 24.55
CA ASP A 167 -32.49 1.52 24.59
C ASP A 167 -31.66 1.22 25.85
N ASP A 168 -30.52 0.54 25.73
CA ASP A 168 -29.64 0.14 26.86
C ASP A 168 -28.41 1.07 26.94
N VAL A 169 -28.50 2.28 26.40
CA VAL A 169 -27.39 3.27 26.32
C VAL A 169 -27.78 4.52 27.12
N THR A 170 -27.08 4.76 28.24
CA THR A 170 -27.24 5.98 29.08
C THR A 170 -26.20 7.02 28.64
N TYR A 171 -26.66 8.25 28.39
CA TYR A 171 -25.86 9.38 27.84
C TYR A 171 -25.58 10.39 28.96
N HIS A 172 -24.28 10.66 29.20
CA HIS A 172 -23.78 11.65 30.17
C HIS A 172 -23.05 12.77 29.42
N GLY A 173 -23.31 14.03 29.79
CA GLY A 173 -22.52 15.19 29.35
C GLY A 173 -21.10 15.10 29.88
N PHE A 174 -20.14 15.80 29.25
CA PHE A 174 -18.71 15.75 29.65
C PHE A 174 -18.56 16.46 31.01
N PRO A 175 -17.72 15.94 31.93
CA PRO A 175 -17.54 16.57 33.24
C PRO A 175 -16.89 17.96 33.16
N ASN A 176 -17.14 18.79 34.18
CA ASN A 176 -16.42 20.08 34.38
C ASN A 176 -15.07 19.76 35.05
N LEU A 177 -14.17 20.74 35.10
CA LEU A 177 -12.76 20.57 35.55
C LEU A 177 -12.73 20.20 37.03
N HIS A 178 -13.58 20.85 37.85
CA HIS A 178 -13.67 20.62 39.32
C HIS A 178 -13.95 19.14 39.61
N ALA A 179 -14.79 18.49 38.80
CA ALA A 179 -15.23 17.08 38.99
C ALA A 179 -14.06 16.12 38.75
N LEU A 180 -13.11 16.49 37.90
CA LEU A 180 -11.94 15.64 37.53
C LEU A 180 -10.73 15.98 38.42
N ALA A 181 -10.81 17.06 39.21
CA ALA A 181 -9.69 17.61 40.02
C ALA A 181 -9.74 17.09 41.47
N GLY A 182 -10.78 16.33 41.83
CA GLY A 182 -11.04 15.87 43.21
C GLY A 182 -9.94 14.96 43.75
N PRO A 183 -9.81 14.81 45.09
CA PRO A 183 -8.77 13.95 45.67
C PRO A 183 -8.91 12.46 45.36
N GLU A 184 -10.12 11.98 45.06
CA GLU A 184 -10.41 10.56 44.73
C GLU A 184 -10.38 10.33 43.22
N ALA A 185 -10.33 11.41 42.42
CA ALA A 185 -10.49 11.39 40.95
C ALA A 185 -9.57 10.33 40.33
N GLU A 186 -8.29 10.33 40.69
CA GLU A 186 -7.25 9.44 40.09
C GLU A 186 -7.58 7.97 40.41
N THR A 187 -7.99 7.68 41.65
CA THR A 187 -8.24 6.30 42.16
C THR A 187 -9.42 5.68 41.38
N HIS A 188 -10.51 6.44 41.21
CA HIS A 188 -11.71 6.05 40.42
C HIS A 188 -11.29 5.76 38.98
N LEU A 189 -10.53 6.68 38.37
CA LEU A 189 -10.16 6.64 36.93
C LEU A 189 -9.25 5.44 36.63
N ARG A 190 -8.43 5.02 37.60
CA ARG A 190 -7.58 3.79 37.49
C ARG A 190 -8.49 2.55 37.51
N LYS A 191 -9.53 2.57 38.34
CA LYS A 191 -10.57 1.50 38.43
C LYS A 191 -11.32 1.39 37.10
N LEU A 192 -11.46 2.51 36.37
CA LEU A 192 -12.17 2.58 35.06
C LEU A 192 -11.23 2.19 33.92
N GLY A 193 -9.93 1.97 34.20
CA GLY A 193 -8.98 1.30 33.31
C GLY A 193 -8.11 2.26 32.51
N LEU A 194 -8.06 3.54 32.87
CA LEU A 194 -7.22 4.56 32.19
C LEU A 194 -5.73 4.28 32.46
N GLY A 195 -5.42 3.70 33.63
CA GLY A 195 -4.05 3.40 34.06
C GLY A 195 -3.29 4.67 34.42
N TYR A 196 -2.08 4.82 33.87
CA TYR A 196 -1.17 5.99 34.10
C TYR A 196 -1.84 7.29 33.65
N ARG A 197 -2.76 7.21 32.67
CA ARG A 197 -3.46 8.38 32.07
C ARG A 197 -4.37 9.03 33.12
N ALA A 198 -4.78 8.27 34.14
CA ALA A 198 -5.64 8.73 35.26
C ALA A 198 -4.96 9.90 36.00
N ARG A 199 -3.65 9.81 36.23
CA ARG A 199 -2.86 10.86 36.93
C ARG A 199 -2.89 12.15 36.10
N TYR A 200 -2.65 12.05 34.79
CA TYR A 200 -2.56 13.19 33.84
C TYR A 200 -3.92 13.91 33.75
N VAL A 201 -5.02 13.16 33.76
CA VAL A 201 -6.40 13.73 33.71
C VAL A 201 -6.62 14.58 34.97
N ARG A 202 -6.38 14.02 36.15
CA ARG A 202 -6.58 14.73 37.45
C ARG A 202 -5.63 15.93 37.52
N ALA A 203 -4.34 15.70 37.26
CA ALA A 203 -3.25 16.71 37.35
C ALA A 203 -3.55 17.90 36.41
N SER A 204 -3.98 17.62 35.17
CA SER A 204 -4.30 18.65 34.14
C SER A 204 -5.55 19.45 34.55
N ALA A 205 -6.58 18.76 35.04
CA ALA A 205 -7.83 19.38 35.56
C ALA A 205 -7.47 20.34 36.71
N LYS A 206 -6.64 19.88 37.65
CA LYS A 206 -6.20 20.66 38.82
C LYS A 206 -5.35 21.86 38.37
N ALA A 207 -4.50 21.65 37.36
CA ALA A 207 -3.55 22.66 36.82
C ALA A 207 -4.32 23.82 36.18
N ILE A 208 -5.28 23.53 35.29
CA ILE A 208 -6.08 24.56 34.57
C ILE A 208 -6.83 25.42 35.59
N LEU A 209 -7.43 24.79 36.62
CA LEU A 209 -8.14 25.47 37.74
C LEU A 209 -7.18 26.40 38.47
N GLU A 210 -6.10 25.86 39.03
CA GLU A 210 -5.19 26.55 39.99
C GLU A 210 -4.19 27.45 39.24
N GLU A 211 -3.53 26.92 38.21
CA GLU A 211 -2.38 27.60 37.52
C GLU A 211 -2.89 28.54 36.42
N GLN A 212 -4.06 28.26 35.82
CA GLN A 212 -4.55 28.97 34.60
C GLN A 212 -5.89 29.67 34.85
N GLY A 213 -6.64 29.29 35.90
CA GLY A 213 -7.85 30.01 36.34
C GLY A 213 -9.10 29.56 35.60
N GLY A 214 -9.29 28.24 35.46
CA GLY A 214 -10.54 27.63 35.00
C GLY A 214 -10.69 27.62 33.48
N PRO A 215 -11.88 27.30 32.95
CA PRO A 215 -12.07 27.02 31.52
C PRO A 215 -12.03 28.25 30.59
N ALA A 216 -12.15 29.46 31.15
CA ALA A 216 -12.03 30.74 30.40
C ALA A 216 -10.64 30.85 29.76
N TRP A 217 -9.65 30.20 30.36
CA TRP A 217 -8.25 30.10 29.85
C TRP A 217 -8.25 29.41 28.48
N LEU A 218 -8.97 28.30 28.33
CA LEU A 218 -9.04 27.51 27.07
C LEU A 218 -9.73 28.34 25.98
N GLN A 219 -10.67 29.21 26.36
CA GLN A 219 -11.36 30.15 25.44
C GLN A 219 -10.40 31.26 25.02
N GLN A 220 -9.51 31.70 25.92
CA GLN A 220 -8.43 32.69 25.64
C GLN A 220 -7.48 32.12 24.56
N LEU A 221 -7.16 30.83 24.64
CA LEU A 221 -6.25 30.14 23.68
C LEU A 221 -6.91 30.04 22.30
N ARG A 222 -8.24 30.09 22.23
CA ARG A 222 -9.02 30.05 20.96
C ARG A 222 -8.71 31.30 20.13
N VAL A 223 -8.56 32.46 20.78
CA VAL A 223 -8.33 33.78 20.11
C VAL A 223 -6.84 34.12 20.12
N ALA A 224 -6.02 33.40 20.90
CA ALA A 224 -4.54 33.54 20.94
C ALA A 224 -3.94 32.94 19.67
N PRO A 225 -2.75 33.40 19.22
CA PRO A 225 -2.10 32.81 18.05
C PRO A 225 -1.68 31.35 18.31
N TYR A 226 -1.65 30.55 17.24
CA TYR A 226 -1.42 29.08 17.25
C TYR A 226 -0.21 28.73 18.13
N GLU A 227 0.91 29.44 17.95
CA GLU A 227 2.22 29.14 18.59
C GLU A 227 2.12 29.39 20.10
N GLU A 228 1.43 30.47 20.50
CA GLU A 228 1.21 30.84 21.93
C GLU A 228 0.34 29.78 22.60
N ALA A 229 -0.72 29.30 21.91
CA ALA A 229 -1.68 28.30 22.41
C ALA A 229 -0.97 26.96 22.64
N HIS A 230 -0.17 26.51 21.66
CA HIS A 230 0.56 25.22 21.68
C HIS A 230 1.51 25.17 22.88
N LYS A 231 2.31 26.22 23.07
CA LYS A 231 3.31 26.35 24.17
C LYS A 231 2.60 26.35 25.53
N ALA A 232 1.45 27.00 25.63
CA ALA A 232 0.63 27.09 26.86
C ALA A 232 0.15 25.69 27.26
N LEU A 233 -0.41 24.94 26.30
CA LEU A 233 -0.96 23.56 26.51
C LEU A 233 0.15 22.59 26.92
N CYS A 234 1.38 22.76 26.41
CA CYS A 234 2.53 21.86 26.66
C CYS A 234 3.02 21.97 28.11
N THR A 235 2.54 22.96 28.88
CA THR A 235 2.84 23.12 30.33
C THR A 235 1.99 22.16 31.16
N LEU A 236 0.91 21.61 30.59
CA LEU A 236 -0.06 20.73 31.32
C LEU A 236 0.48 19.30 31.42
N PRO A 237 0.32 18.63 32.59
CA PRO A 237 0.69 17.23 32.74
C PRO A 237 0.07 16.30 31.69
N GLY A 238 0.90 15.51 31.00
CA GLY A 238 0.47 14.53 29.98
C GLY A 238 0.11 15.17 28.66
N VAL A 239 0.39 16.47 28.47
CA VAL A 239 0.15 17.20 27.19
C VAL A 239 1.50 17.59 26.60
N GLY A 240 1.92 16.87 25.56
CA GLY A 240 3.11 17.19 24.72
C GLY A 240 2.68 17.77 23.38
N ALA A 241 3.61 17.81 22.42
CA ALA A 241 3.45 18.45 21.09
C ALA A 241 2.27 17.84 20.33
N LYS A 242 2.16 16.50 20.33
CA LYS A 242 1.12 15.73 19.57
C LYS A 242 -0.27 16.08 20.11
N VAL A 243 -0.47 16.04 21.43
CA VAL A 243 -1.80 16.30 22.08
C VAL A 243 -2.14 17.79 21.96
N ALA A 244 -1.15 18.67 22.15
CA ALA A 244 -1.31 20.15 22.03
C ALA A 244 -1.80 20.50 20.62
N ASP A 245 -1.18 19.91 19.59
CA ASP A 245 -1.54 20.14 18.16
C ASP A 245 -2.97 19.64 17.89
N CYS A 246 -3.35 18.48 18.45
CA CYS A 246 -4.71 17.89 18.32
C CYS A 246 -5.75 18.88 18.84
N ILE A 247 -5.53 19.39 20.06
CA ILE A 247 -6.44 20.37 20.74
C ILE A 247 -6.48 21.65 19.90
N CYS A 248 -5.32 22.17 19.51
CA CYS A 248 -5.16 23.38 18.65
C CYS A 248 -6.01 23.22 17.37
N LEU A 249 -5.87 22.09 16.68
CA LEU A 249 -6.51 21.82 15.37
C LEU A 249 -8.03 21.67 15.53
N MET A 250 -8.47 20.96 16.56
CA MET A 250 -9.84 20.39 16.65
C MET A 250 -10.74 21.20 17.60
N ALA A 251 -10.18 22.11 18.40
CA ALA A 251 -10.92 22.83 19.47
C ALA A 251 -10.58 24.33 19.53
N LEU A 252 -9.37 24.76 19.11
CA LEU A 252 -8.88 26.15 19.30
C LEU A 252 -8.76 26.90 17.97
N ASP A 253 -9.42 26.40 16.91
CA ASP A 253 -9.50 27.07 15.58
C ASP A 253 -8.09 27.42 15.07
N LYS A 254 -7.20 26.42 15.04
CA LYS A 254 -5.84 26.52 14.44
C LYS A 254 -5.73 25.51 13.31
N PRO A 255 -6.30 25.79 12.12
CA PRO A 255 -6.33 24.81 11.02
C PRO A 255 -4.96 24.39 10.48
N GLN A 256 -3.90 25.15 10.79
CA GLN A 256 -2.51 24.90 10.33
C GLN A 256 -1.80 23.91 11.27
N ALA A 257 -2.41 23.57 12.42
CA ALA A 257 -1.88 22.61 13.41
C ALA A 257 -1.85 21.20 12.81
N VAL A 258 -0.68 20.57 12.78
CA VAL A 258 -0.45 19.21 12.19
C VAL A 258 0.08 18.29 13.30
N PRO A 259 -0.78 17.55 14.02
CA PRO A 259 -0.34 16.56 15.00
C PRO A 259 0.61 15.51 14.39
N VAL A 260 1.80 15.35 14.97
CA VAL A 260 2.86 14.42 14.48
C VAL A 260 3.24 13.44 15.59
N ASP A 261 2.94 12.15 15.38
CA ASP A 261 3.49 11.00 16.15
C ASP A 261 4.09 10.01 15.13
N VAL A 262 4.42 8.79 15.57
CA VAL A 262 5.09 7.75 14.74
C VAL A 262 4.21 7.38 13.54
N HIS A 263 2.88 7.45 13.69
CA HIS A 263 1.89 7.02 12.66
C HIS A 263 1.96 7.93 11.43
N VAL A 264 1.93 9.26 11.63
CA VAL A 264 1.98 10.26 10.51
C VAL A 264 3.41 10.31 9.95
N TRP A 265 4.41 9.99 10.79
CA TRP A 265 5.82 9.76 10.38
C TRP A 265 5.89 8.64 9.32
N GLN A 266 5.34 7.48 9.67
CA GLN A 266 5.23 6.28 8.79
C GLN A 266 4.62 6.69 7.44
N ILE A 267 3.47 7.38 7.48
CA ILE A 267 2.69 7.82 6.29
C ILE A 267 3.54 8.82 5.47
N ALA A 268 4.06 9.87 6.12
CA ALA A 268 4.91 10.92 5.52
C ALA A 268 6.06 10.27 4.75
N HIS A 269 6.75 9.30 5.36
CA HIS A 269 7.91 8.59 4.79
C HIS A 269 7.48 7.73 3.60
N ARG A 270 6.48 6.86 3.80
CA ARG A 270 6.04 5.85 2.79
C ARG A 270 5.50 6.56 1.55
N ASP A 271 4.67 7.59 1.73
CA ASP A 271 3.81 8.17 0.65
C ASP A 271 4.42 9.44 0.04
N TYR A 272 5.26 10.16 0.79
CA TYR A 272 5.89 11.44 0.33
C TYR A 272 7.41 11.30 0.19
N GLY A 273 8.00 10.19 0.67
CA GLY A 273 9.45 9.95 0.66
C GLY A 273 10.20 10.92 1.55
N TRP A 274 9.52 11.46 2.58
CA TRP A 274 10.08 12.50 3.48
C TRP A 274 11.08 11.87 4.45
N HIS A 275 12.22 12.52 4.64
CA HIS A 275 13.24 12.23 5.68
C HIS A 275 13.65 13.54 6.34
N PRO A 276 14.04 13.53 7.64
CA PRO A 276 14.52 14.75 8.30
C PRO A 276 15.76 15.30 7.58
N LYS A 277 15.68 16.53 7.08
CA LYS A 277 16.77 17.24 6.35
C LYS A 277 17.63 18.00 7.36
N LYS A 282 17.26 10.63 11.69
CA LYS A 282 17.03 9.22 11.27
C LYS A 282 15.57 8.84 11.56
N GLY A 283 15.20 8.77 12.84
CA GLY A 283 13.84 8.39 13.30
C GLY A 283 13.12 9.55 13.99
N PRO A 284 12.04 9.27 14.76
CA PRO A 284 11.34 10.31 15.51
C PRO A 284 12.21 11.06 16.52
N SER A 285 11.76 12.24 16.92
CA SER A 285 12.48 13.24 17.76
C SER A 285 11.63 14.49 17.89
N PRO A 286 11.64 15.20 19.05
CA PRO A 286 10.94 16.47 19.18
C PRO A 286 11.24 17.47 18.04
N LEU A 287 12.49 17.51 17.56
CA LEU A 287 12.94 18.40 16.47
C LEU A 287 12.44 17.86 15.12
N ALA A 288 12.63 16.57 14.86
CA ALA A 288 12.25 15.88 13.59
C ALA A 288 10.73 15.95 13.40
N ASN A 289 9.96 15.74 14.48
CA ASN A 289 8.48 15.82 14.50
C ASN A 289 8.03 17.25 14.13
N LYS A 290 8.72 18.25 14.69
CA LYS A 290 8.45 19.70 14.44
C LYS A 290 8.71 20.02 12.96
N GLU A 291 9.80 19.47 12.40
CA GLU A 291 10.21 19.68 10.98
C GLU A 291 9.16 19.08 10.04
N LEU A 292 8.59 17.92 10.39
CA LEU A 292 7.57 17.21 9.56
C LEU A 292 6.28 18.04 9.51
N GLY A 293 5.91 18.67 10.63
CA GLY A 293 4.74 19.57 10.73
C GLY A 293 4.89 20.79 9.84
N ASN A 294 6.08 21.39 9.82
CA ASN A 294 6.42 22.57 8.99
C ASN A 294 6.38 22.18 7.51
N PHE A 295 6.89 20.99 7.17
CA PHE A 295 6.91 20.44 5.79
C PHE A 295 5.49 20.45 5.20
N PHE A 296 4.52 19.95 5.96
CA PHE A 296 3.09 19.80 5.53
C PHE A 296 2.42 21.17 5.47
N ARG A 297 2.71 22.06 6.43
CA ARG A 297 2.23 23.47 6.43
C ARG A 297 2.73 24.17 5.16
N ASN A 298 4.01 23.99 4.84
CA ASN A 298 4.66 24.59 3.63
C ASN A 298 4.01 24.04 2.37
N LEU A 299 3.69 22.74 2.35
CA LEU A 299 3.12 22.02 1.17
C LEU A 299 1.66 22.43 0.97
N TRP A 300 0.83 22.34 2.02
CA TRP A 300 -0.65 22.43 1.95
C TRP A 300 -1.14 23.85 2.26
N GLY A 301 -0.46 24.57 3.17
CA GLY A 301 -0.78 25.97 3.52
C GLY A 301 -1.45 26.08 4.89
N PRO A 302 -2.28 27.12 5.11
CA PRO A 302 -2.79 27.41 6.45
C PRO A 302 -3.95 26.52 6.94
N TYR A 303 -4.44 25.61 6.10
CA TYR A 303 -5.46 24.58 6.44
C TYR A 303 -4.83 23.19 6.34
N ALA A 304 -3.56 23.06 6.75
CA ALA A 304 -2.73 21.84 6.64
C ALA A 304 -3.32 20.72 7.51
N GLY A 305 -3.85 21.07 8.68
CA GLY A 305 -4.48 20.13 9.64
C GLY A 305 -5.71 19.47 9.06
N TRP A 306 -6.47 20.20 8.23
CA TRP A 306 -7.71 19.72 7.56
C TRP A 306 -7.34 18.71 6.48
N ALA A 307 -6.27 18.98 5.72
CA ALA A 307 -5.71 18.09 4.67
C ALA A 307 -5.22 16.78 5.31
N GLN A 308 -4.65 16.86 6.52
CA GLN A 308 -4.11 15.68 7.27
C GLN A 308 -5.28 14.75 7.63
N ALA A 309 -6.41 15.31 8.05
CA ALA A 309 -7.63 14.57 8.45
C ALA A 309 -8.10 13.68 7.31
N VAL A 310 -8.04 14.19 6.07
CA VAL A 310 -8.43 13.44 4.83
C VAL A 310 -7.56 12.18 4.74
N LEU A 311 -6.24 12.35 4.81
CA LEU A 311 -5.24 11.24 4.72
C LEU A 311 -5.40 10.30 5.92
N PHE A 312 -5.58 10.86 7.13
CA PHE A 312 -5.71 10.09 8.40
C PHE A 312 -6.92 9.17 8.32
N SER A 313 -8.09 9.74 8.00
CA SER A 313 -9.39 9.01 7.87
C SER A 313 -9.31 8.02 6.70
N ALA A 314 -8.62 8.38 5.61
CA ALA A 314 -8.38 7.52 4.43
C ALA A 314 -7.52 6.32 4.83
N ASP A 315 -6.60 6.51 5.77
CA ASP A 315 -5.65 5.47 6.26
C ASP A 315 -6.37 4.47 7.18
N LEU A 316 -7.38 4.92 7.92
CA LEU A 316 -8.20 4.06 8.81
C LEU A 316 -8.95 3.00 7.98
N ARG A 317 -9.40 3.38 6.77
CA ARG A 317 -10.09 2.46 5.81
C ARG A 317 -9.06 1.79 4.91
N GLN A 318 -8.18 0.97 5.50
CA GLN A 318 -7.12 0.19 4.79
C GLN A 318 -6.28 1.13 3.93
N HIS B 3 -23.17 16.68 -41.31
CA HIS B 3 -22.34 16.12 -40.19
C HIS B 3 -22.62 14.62 -40.04
N MET B 4 -21.66 13.78 -40.45
CA MET B 4 -21.72 12.29 -40.37
C MET B 4 -21.67 11.87 -38.89
N ARG B 5 -22.33 10.76 -38.54
CA ARG B 5 -22.49 10.27 -37.15
C ARG B 5 -21.28 9.41 -36.75
N HIS B 6 -21.07 9.24 -35.44
CA HIS B 6 -20.01 8.39 -34.84
C HIS B 6 -20.42 6.92 -34.99
N ARG B 7 -19.49 6.06 -35.42
CA ARG B 7 -19.75 4.65 -35.77
C ARG B 7 -19.60 3.76 -34.53
N THR B 8 -20.27 2.60 -34.56
CA THR B 8 -20.06 1.44 -33.65
C THR B 8 -19.85 0.21 -34.54
N LEU B 9 -19.20 -0.83 -34.03
CA LEU B 9 -18.92 -2.10 -34.76
C LEU B 9 -20.24 -2.84 -35.06
N SER B 10 -21.34 -2.44 -34.42
CA SER B 10 -22.70 -3.02 -34.59
C SER B 10 -23.68 -2.00 -35.18
N SER B 11 -23.22 -0.78 -35.50
CA SER B 11 -24.03 0.30 -36.13
C SER B 11 -23.81 0.30 -37.65
N SER B 12 -22.54 0.19 -38.07
CA SER B 12 -22.12 0.06 -39.49
C SER B 12 -21.16 -1.12 -39.61
N PRO B 13 -21.61 -2.37 -39.30
CA PRO B 13 -20.70 -3.52 -39.20
C PRO B 13 -20.03 -3.96 -40.52
N ALA B 14 -20.04 -3.11 -41.55
CA ALA B 14 -19.42 -3.36 -42.87
C ALA B 14 -18.15 -2.51 -43.06
N LEU B 15 -18.14 -1.28 -42.55
CA LEU B 15 -17.07 -0.26 -42.80
C LEU B 15 -15.93 -0.40 -41.78
N TRP B 16 -15.90 -1.49 -41.01
CA TRP B 16 -14.80 -1.78 -40.03
C TRP B 16 -13.88 -2.86 -40.60
N ALA B 17 -12.56 -2.68 -40.42
CA ALA B 17 -11.50 -3.68 -40.70
C ALA B 17 -10.98 -4.24 -39.38
N SER B 18 -10.13 -5.27 -39.44
CA SER B 18 -9.58 -5.99 -38.26
C SER B 18 -8.11 -6.38 -38.48
N ILE B 19 -7.34 -6.41 -37.39
CA ILE B 19 -5.92 -6.85 -37.33
C ILE B 19 -5.78 -7.88 -36.21
N PRO B 20 -5.14 -9.05 -36.44
CA PRO B 20 -5.02 -10.07 -35.41
C PRO B 20 -4.09 -9.61 -34.27
N CYS B 21 -4.68 -9.20 -33.14
CA CYS B 21 -3.98 -8.63 -31.96
C CYS B 21 -4.71 -9.01 -30.68
N PRO B 22 -4.13 -9.88 -29.82
CA PRO B 22 -4.80 -10.30 -28.58
C PRO B 22 -4.86 -9.15 -27.56
N ARG B 23 -5.84 -9.19 -26.65
CA ARG B 23 -6.02 -8.19 -25.56
C ARG B 23 -4.93 -8.37 -24.50
N SER B 24 -3.93 -9.23 -24.76
CA SER B 24 -2.70 -9.39 -23.95
C SER B 24 -1.59 -8.49 -24.49
N GLU B 25 -1.58 -8.21 -25.80
CA GLU B 25 -0.52 -7.43 -26.49
C GLU B 25 -0.91 -5.95 -26.56
N LEU B 26 -2.19 -5.62 -26.47
CA LEU B 26 -2.70 -4.22 -26.50
C LEU B 26 -4.06 -4.14 -25.80
N ARG B 27 -4.19 -3.28 -24.78
CA ARG B 27 -5.47 -2.89 -24.14
C ARG B 27 -5.66 -1.38 -24.35
N LEU B 28 -6.44 -1.00 -25.36
CA LEU B 28 -6.70 0.40 -25.77
C LEU B 28 -7.07 1.25 -24.55
N ASP B 29 -7.85 0.66 -23.63
CA ASP B 29 -8.35 1.30 -22.38
C ASP B 29 -7.19 1.74 -21.48
N LEU B 30 -6.06 1.04 -21.49
CA LEU B 30 -4.89 1.30 -20.61
C LEU B 30 -3.71 1.87 -21.41
N VAL B 31 -3.97 2.59 -22.51
CA VAL B 31 -2.93 3.11 -23.44
C VAL B 31 -3.35 4.46 -24.02
N LEU B 32 -4.55 4.55 -24.60
CA LEU B 32 -5.02 5.72 -25.40
C LEU B 32 -5.31 6.93 -24.48
N ALA B 33 -5.72 6.69 -23.23
CA ALA B 33 -6.00 7.73 -22.22
C ALA B 33 -5.22 7.46 -20.93
N SER B 34 -4.04 6.83 -21.04
CA SER B 34 -3.17 6.41 -19.91
C SER B 34 -2.06 7.43 -19.68
N GLY B 35 -2.03 8.52 -20.46
CA GLY B 35 -1.11 9.66 -20.29
C GLY B 35 0.04 9.65 -21.29
N GLN B 36 -0.18 9.08 -22.48
CA GLN B 36 0.79 9.09 -23.62
C GLN B 36 0.31 10.07 -24.69
N SER B 37 -0.87 9.79 -25.27
CA SER B 37 -1.58 10.64 -26.25
C SER B 37 -2.80 11.27 -25.58
N PHE B 38 -3.13 12.52 -25.94
CA PHE B 38 -4.22 13.32 -25.34
C PHE B 38 -5.28 13.66 -26.40
N ARG B 39 -5.39 12.82 -27.44
CA ARG B 39 -6.22 13.07 -28.65
C ARG B 39 -7.21 11.92 -28.90
N TRP B 40 -7.36 10.99 -27.94
CA TRP B 40 -8.26 9.81 -28.05
C TRP B 40 -9.35 9.88 -26.98
N LYS B 41 -10.61 9.74 -27.39
CA LYS B 41 -11.81 9.79 -26.51
C LYS B 41 -12.65 8.53 -26.73
N GLU B 42 -13.16 7.93 -25.66
CA GLU B 42 -14.15 6.82 -25.70
C GLU B 42 -15.54 7.43 -25.87
N GLN B 43 -16.03 7.49 -27.11
CA GLN B 43 -17.30 8.19 -27.49
C GLN B 43 -18.49 7.32 -27.06
N SER B 44 -18.39 6.00 -27.27
CA SER B 44 -19.38 4.98 -26.86
C SER B 44 -18.66 3.80 -26.20
N PRO B 45 -19.11 3.33 -25.02
CA PRO B 45 -18.44 2.24 -24.30
C PRO B 45 -17.83 1.18 -25.23
N ALA B 46 -16.49 1.10 -25.25
CA ALA B 46 -15.65 0.11 -25.97
C ALA B 46 -15.07 0.70 -27.26
N HIS B 47 -15.47 1.92 -27.65
CA HIS B 47 -15.14 2.54 -28.95
C HIS B 47 -14.39 3.87 -28.73
N TRP B 48 -13.12 3.92 -29.14
CA TRP B 48 -12.19 5.06 -28.94
C TRP B 48 -11.94 5.79 -30.27
N SER B 49 -12.25 7.09 -30.33
CA SER B 49 -12.09 7.96 -31.53
C SER B 49 -10.99 9.00 -31.28
N GLY B 50 -10.20 9.31 -32.31
CA GLY B 50 -9.09 10.29 -32.26
C GLY B 50 -8.50 10.58 -33.64
N VAL B 51 -7.57 11.53 -33.69
CA VAL B 51 -6.89 12.01 -34.94
C VAL B 51 -5.53 11.30 -35.07
N LEU B 52 -5.07 11.12 -36.31
CA LEU B 52 -3.73 10.57 -36.66
C LEU B 52 -3.30 11.12 -38.02
N ALA B 53 -2.03 11.54 -38.15
CA ALA B 53 -1.41 12.11 -39.37
C ALA B 53 -2.21 13.33 -39.83
N ASP B 54 -3.34 13.11 -40.53
CA ASP B 54 -4.32 14.16 -40.92
C ASP B 54 -5.67 13.49 -41.23
N GLN B 55 -6.05 12.49 -40.43
CA GLN B 55 -7.27 11.66 -40.60
C GLN B 55 -7.83 11.31 -39.21
N VAL B 56 -9.12 10.94 -39.14
CA VAL B 56 -9.83 10.59 -37.88
C VAL B 56 -10.14 9.09 -37.88
N TRP B 57 -10.13 8.47 -36.70
CA TRP B 57 -10.34 7.01 -36.48
C TRP B 57 -11.38 6.79 -35.37
N THR B 58 -12.03 5.63 -35.37
CA THR B 58 -12.68 5.00 -34.18
C THR B 58 -12.18 3.55 -34.08
N LEU B 59 -11.76 3.13 -32.89
CA LEU B 59 -11.11 1.82 -32.63
C LEU B 59 -11.82 1.09 -31.49
N THR B 60 -11.90 -0.24 -31.58
CA THR B 60 -12.44 -1.15 -30.52
C THR B 60 -11.75 -2.52 -30.63
N GLN B 61 -11.68 -3.27 -29.53
CA GLN B 61 -10.97 -4.57 -29.45
C GLN B 61 -11.92 -5.65 -28.93
N THR B 62 -11.60 -6.92 -29.21
CA THR B 62 -12.30 -8.13 -28.70
C THR B 62 -11.38 -8.79 -27.66
N GLU B 63 -11.39 -10.13 -27.57
CA GLU B 63 -10.43 -10.93 -26.76
C GLU B 63 -9.52 -11.73 -27.70
N ASP B 64 -9.17 -11.16 -28.85
CA ASP B 64 -8.40 -11.84 -29.94
C ASP B 64 -7.99 -10.86 -31.04
N GLN B 65 -8.91 -9.95 -31.45
CA GLN B 65 -8.67 -9.02 -32.60
C GLN B 65 -8.98 -7.57 -32.19
N LEU B 66 -8.37 -6.62 -32.89
CA LEU B 66 -8.56 -5.15 -32.76
C LEU B 66 -9.36 -4.65 -33.97
N TYR B 67 -10.63 -4.30 -33.76
CA TYR B 67 -11.54 -3.73 -34.79
C TYR B 67 -11.25 -2.24 -34.96
N CYS B 68 -11.30 -1.73 -36.20
CA CYS B 68 -10.88 -0.36 -36.57
C CYS B 68 -11.73 0.18 -37.73
N THR B 69 -11.95 1.49 -37.75
CA THR B 69 -12.71 2.23 -38.80
C THR B 69 -12.12 3.64 -38.94
N VAL B 70 -11.91 4.11 -40.18
CA VAL B 70 -11.28 5.42 -40.50
C VAL B 70 -12.33 6.36 -41.09
N TYR B 71 -12.24 7.66 -40.75
CA TYR B 71 -13.06 8.77 -41.31
C TYR B 71 -12.13 9.72 -42.07
N ARG B 72 -12.40 9.92 -43.37
CA ARG B 72 -11.53 10.71 -44.30
C ARG B 72 -12.23 12.03 -44.64
N GLN B 77 -16.08 8.46 -51.15
CA GLN B 77 -15.64 7.03 -51.09
C GLN B 77 -16.44 6.31 -50.00
N VAL B 78 -16.33 6.81 -48.75
CA VAL B 78 -16.92 6.20 -47.53
C VAL B 78 -16.38 4.76 -47.39
N SER B 79 -15.14 4.53 -47.84
CA SER B 79 -14.50 3.19 -47.92
C SER B 79 -13.98 2.78 -46.53
N ARG B 80 -13.90 1.47 -46.27
CA ARG B 80 -13.35 0.88 -45.02
C ARG B 80 -11.84 1.16 -44.99
N PRO B 81 -11.15 0.94 -43.83
CA PRO B 81 -9.72 1.22 -43.72
C PRO B 81 -8.88 0.50 -44.79
N THR B 82 -7.90 1.19 -45.38
CA THR B 82 -6.98 0.65 -46.40
C THR B 82 -5.83 -0.11 -45.70
N LEU B 83 -5.05 -0.87 -46.46
CA LEU B 83 -3.84 -1.60 -45.98
C LEU B 83 -2.85 -0.59 -45.39
N GLU B 84 -2.56 0.49 -46.12
CA GLU B 84 -1.56 1.53 -45.76
C GLU B 84 -2.00 2.19 -44.44
N GLU B 85 -3.28 2.53 -44.34
CA GLU B 85 -3.91 3.11 -43.11
C GLU B 85 -3.79 2.11 -41.96
N LEU B 86 -4.07 0.82 -42.22
CA LEU B 86 -3.94 -0.29 -41.23
C LEU B 86 -2.47 -0.51 -40.87
N GLU B 87 -1.56 -0.28 -41.82
CA GLU B 87 -0.08 -0.38 -41.62
C GLU B 87 0.39 0.75 -40.68
N THR B 88 -0.09 1.98 -40.92
CA THR B 88 0.15 3.17 -40.06
C THR B 88 -0.26 2.85 -38.62
N LEU B 89 -1.46 2.27 -38.46
CA LEU B 89 -2.06 1.91 -37.14
C LEU B 89 -1.18 0.88 -36.43
N HIS B 90 -0.66 -0.10 -37.18
CA HIS B 90 0.27 -1.16 -36.69
C HIS B 90 1.57 -0.54 -36.17
N LYS B 91 2.09 0.48 -36.88
CA LYS B 91 3.36 1.17 -36.57
C LYS B 91 3.19 2.06 -35.33
N TYR B 92 2.00 2.64 -35.16
CA TYR B 92 1.64 3.58 -34.06
C TYR B 92 1.51 2.82 -32.74
N PHE B 93 1.11 1.54 -32.80
CA PHE B 93 0.95 0.64 -31.62
C PHE B 93 2.19 -0.26 -31.48
N GLN B 94 3.20 -0.08 -32.34
CA GLN B 94 4.51 -0.80 -32.29
C GLN B 94 4.27 -2.30 -32.01
N LEU B 95 3.39 -2.93 -32.79
CA LEU B 95 2.95 -4.34 -32.59
C LEU B 95 4.04 -5.31 -33.06
N ASP B 96 5.07 -4.81 -33.76
CA ASP B 96 6.33 -5.56 -34.07
C ASP B 96 6.93 -6.10 -32.78
N VAL B 97 7.04 -5.26 -31.75
CA VAL B 97 7.61 -5.58 -30.41
C VAL B 97 6.70 -6.61 -29.72
N SER B 98 7.29 -7.70 -29.22
CA SER B 98 6.60 -8.73 -28.39
C SER B 98 6.58 -8.27 -26.94
N LEU B 99 5.37 -8.12 -26.37
CA LEU B 99 5.13 -7.60 -25.00
C LEU B 99 5.38 -8.72 -23.97
N ALA B 100 4.88 -9.93 -24.24
CA ALA B 100 5.00 -11.12 -23.38
C ALA B 100 6.48 -11.40 -23.07
N GLN B 101 7.36 -11.22 -24.05
CA GLN B 101 8.83 -11.40 -23.92
C GLN B 101 9.39 -10.36 -22.95
N LEU B 102 9.00 -9.08 -23.11
CA LEU B 102 9.44 -7.95 -22.26
C LEU B 102 8.88 -8.13 -20.84
N TYR B 103 7.58 -8.38 -20.71
CA TYR B 103 6.87 -8.61 -19.41
C TYR B 103 7.58 -9.72 -18.63
N SER B 104 8.06 -10.76 -19.30
CA SER B 104 8.71 -11.96 -18.70
C SER B 104 10.14 -11.60 -18.24
N HIS B 105 10.86 -10.80 -19.03
CA HIS B 105 12.22 -10.30 -18.68
C HIS B 105 12.15 -9.42 -17.43
N TRP B 106 11.16 -8.53 -17.36
CA TRP B 106 10.95 -7.57 -16.23
C TRP B 106 10.54 -8.34 -14.97
N ALA B 107 9.63 -9.31 -15.11
CA ALA B 107 9.10 -10.16 -14.00
C ALA B 107 10.24 -10.97 -13.37
N SER B 108 11.24 -11.35 -14.16
CA SER B 108 12.38 -12.22 -13.74
C SER B 108 13.40 -11.43 -12.92
N VAL B 109 13.60 -10.13 -13.22
CA VAL B 109 14.64 -9.26 -12.60
C VAL B 109 14.00 -8.36 -11.53
N ASP B 110 12.67 -8.38 -11.37
CA ASP B 110 11.93 -7.48 -10.46
C ASP B 110 10.69 -8.20 -9.91
N SER B 111 10.61 -8.36 -8.59
CA SER B 111 9.52 -9.06 -7.86
C SER B 111 8.31 -8.13 -7.68
N HIS B 112 8.53 -6.82 -7.53
CA HIS B 112 7.46 -5.80 -7.42
C HIS B 112 6.62 -5.79 -8.69
N PHE B 113 7.27 -5.75 -9.86
CA PHE B 113 6.65 -5.79 -11.21
C PHE B 113 5.85 -7.10 -11.34
N GLN B 114 6.47 -8.23 -10.98
CA GLN B 114 5.88 -9.60 -11.06
C GLN B 114 4.47 -9.60 -10.44
N ARG B 115 4.33 -9.03 -9.23
CA ARG B 115 3.06 -8.98 -8.48
C ARG B 115 2.06 -8.03 -9.17
N VAL B 116 2.50 -6.80 -9.46
CA VAL B 116 1.63 -5.68 -9.93
C VAL B 116 1.22 -5.91 -11.39
N ALA B 117 2.13 -6.37 -12.25
CA ALA B 117 1.93 -6.56 -13.70
C ALA B 117 0.95 -7.69 -14.00
N GLN B 118 0.50 -8.42 -12.97
CA GLN B 118 -0.47 -9.55 -13.07
C GLN B 118 -1.76 -9.06 -13.75
N LYS B 119 -2.40 -8.02 -13.21
CA LYS B 119 -3.73 -7.52 -13.62
C LYS B 119 -3.62 -6.30 -14.53
N PHE B 120 -2.48 -6.13 -15.23
CA PHE B 120 -2.21 -4.99 -16.15
C PHE B 120 -1.33 -5.45 -17.31
N GLN B 121 -1.92 -6.21 -18.25
CA GLN B 121 -1.27 -6.63 -19.52
C GLN B 121 -1.71 -5.66 -20.63
N GLY B 122 -1.13 -5.82 -21.82
CA GLY B 122 -1.46 -5.02 -23.03
C GLY B 122 -1.14 -3.54 -22.86
N VAL B 123 -0.16 -3.19 -22.01
CA VAL B 123 0.32 -1.80 -21.80
C VAL B 123 1.60 -1.62 -22.62
N ARG B 124 1.50 -0.93 -23.76
CA ARG B 124 2.63 -0.65 -24.69
C ARG B 124 2.75 0.85 -24.90
N LEU B 125 3.90 1.30 -25.41
CA LEU B 125 4.17 2.72 -25.76
C LEU B 125 3.67 2.99 -27.18
N LEU B 126 2.89 4.05 -27.36
CA LEU B 126 2.52 4.59 -28.70
C LEU B 126 3.76 5.25 -29.31
N ARG B 127 3.91 5.19 -30.63
CA ARG B 127 4.99 5.87 -31.39
C ARG B 127 4.37 7.09 -32.09
N GLN B 128 4.46 8.25 -31.44
CA GLN B 128 3.70 9.48 -31.79
C GLN B 128 4.55 10.37 -32.70
N ASP B 129 3.89 11.30 -33.40
CA ASP B 129 4.55 12.37 -34.20
C ASP B 129 5.40 13.22 -33.26
N PRO B 130 6.73 13.36 -33.51
CA PRO B 130 7.58 14.23 -32.71
C PRO B 130 6.96 15.60 -32.37
N THR B 131 6.53 16.35 -33.38
CA THR B 131 5.89 17.69 -33.24
C THR B 131 4.73 17.59 -32.25
N GLU B 132 3.73 16.76 -32.55
CA GLU B 132 2.52 16.56 -31.70
C GLU B 132 2.96 16.25 -30.27
N CYS B 133 3.96 15.39 -30.09
CA CYS B 133 4.47 14.91 -28.77
C CYS B 133 5.13 16.08 -28.03
N LEU B 134 6.02 16.82 -28.71
CA LEU B 134 6.79 17.96 -28.13
C LEU B 134 5.83 18.96 -27.48
N PHE B 135 4.91 19.54 -28.26
CA PHE B 135 4.05 20.69 -27.88
C PHE B 135 2.94 20.23 -26.92
N SER B 136 2.56 18.95 -26.95
CA SER B 136 1.57 18.34 -26.03
C SER B 136 2.18 18.22 -24.62
N PHE B 137 3.48 17.94 -24.53
CA PHE B 137 4.21 17.68 -23.26
C PHE B 137 4.88 18.96 -22.73
N ILE B 138 4.95 20.01 -23.56
CA ILE B 138 5.23 21.41 -23.09
C ILE B 138 4.02 21.88 -22.28
N CYS B 139 2.82 21.39 -22.60
CA CYS B 139 1.53 21.72 -21.93
C CYS B 139 1.23 20.72 -20.81
N SER B 140 2.27 20.12 -20.22
CA SER B 140 2.18 18.99 -19.26
C SER B 140 2.50 19.46 -17.82
N SER B 141 3.32 20.51 -17.67
CA SER B 141 3.81 21.06 -16.38
C SER B 141 2.62 21.45 -15.48
N ASN B 142 2.52 20.82 -14.30
CA ASN B 142 1.49 21.09 -13.26
C ASN B 142 0.10 20.88 -13.88
N ASN B 143 -0.27 19.63 -14.16
CA ASN B 143 -1.54 19.28 -14.87
C ASN B 143 -1.93 17.83 -14.60
N ASN B 144 -3.20 17.51 -14.86
CA ASN B 144 -3.77 16.13 -14.94
C ASN B 144 -4.11 15.85 -16.40
N ILE B 145 -4.57 14.62 -16.70
CA ILE B 145 -4.85 14.16 -18.10
C ILE B 145 -5.96 15.03 -18.71
N ALA B 146 -7.07 15.22 -17.98
CA ALA B 146 -8.29 15.93 -18.41
C ALA B 146 -7.95 17.35 -18.91
N ARG B 147 -7.12 18.08 -18.16
CA ARG B 147 -6.81 19.52 -18.42
C ARG B 147 -5.90 19.63 -19.65
N ILE B 148 -5.04 18.64 -19.91
CA ILE B 148 -4.12 18.60 -21.08
C ILE B 148 -4.97 18.32 -22.33
N THR B 149 -5.89 17.35 -22.24
CA THR B 149 -6.87 17.00 -23.30
C THR B 149 -7.54 18.28 -23.81
N GLY B 150 -8.09 19.09 -22.90
CA GLY B 150 -8.71 20.39 -23.21
C GLY B 150 -7.77 21.31 -23.98
N MET B 151 -6.60 21.60 -23.40
CA MET B 151 -5.60 22.56 -23.95
C MET B 151 -5.19 22.14 -25.37
N VAL B 152 -4.80 20.87 -25.56
CA VAL B 152 -4.30 20.33 -26.86
C VAL B 152 -5.44 20.34 -27.88
N GLU B 153 -6.65 19.95 -27.46
CA GLU B 153 -7.89 20.02 -28.28
C GLU B 153 -8.10 21.46 -28.74
N ARG B 154 -8.19 22.40 -27.78
CA ARG B 154 -8.43 23.85 -28.01
C ARG B 154 -7.28 24.46 -28.83
N LEU B 155 -6.06 23.94 -28.66
CA LEU B 155 -4.84 24.38 -29.39
C LEU B 155 -4.96 24.02 -30.87
N CYS B 156 -5.43 22.80 -31.18
CA CYS B 156 -5.53 22.24 -32.56
C CYS B 156 -6.62 22.97 -33.35
N GLN B 157 -7.73 23.33 -32.70
CA GLN B 157 -8.87 24.08 -33.31
C GLN B 157 -8.39 25.43 -33.84
N ALA B 158 -7.60 26.16 -33.03
CA ALA B 158 -7.19 27.56 -33.27
C ALA B 158 -6.12 27.63 -34.37
N PHE B 159 -5.15 26.72 -34.37
CA PHE B 159 -3.92 26.80 -35.21
C PHE B 159 -3.86 25.67 -36.25
N GLY B 160 -4.64 24.59 -36.09
CA GLY B 160 -4.54 23.37 -36.91
C GLY B 160 -5.62 23.30 -37.99
N PRO B 161 -5.36 22.64 -39.15
CA PRO B 161 -6.38 22.41 -40.18
C PRO B 161 -7.60 21.63 -39.69
N ARG B 162 -8.80 22.01 -40.16
CA ARG B 162 -10.08 21.32 -39.86
C ARG B 162 -10.26 20.15 -40.84
N LEU B 163 -10.66 18.98 -40.34
CA LEU B 163 -10.72 17.71 -41.12
C LEU B 163 -12.18 17.32 -41.36
N ILE B 164 -12.86 16.74 -40.36
CA ILE B 164 -14.28 16.27 -40.43
C ILE B 164 -15.01 16.70 -39.16
N GLN B 165 -16.33 16.86 -39.24
CA GLN B 165 -17.23 17.18 -38.09
C GLN B 165 -18.12 15.96 -37.81
N LEU B 166 -17.56 14.94 -37.16
CA LEU B 166 -18.32 13.73 -36.72
C LEU B 166 -19.21 14.12 -35.54
N ASP B 167 -20.54 14.20 -35.78
CA ASP B 167 -21.54 14.67 -34.79
C ASP B 167 -21.23 16.13 -34.43
N ASP B 168 -21.08 16.43 -33.12
CA ASP B 168 -20.74 17.78 -32.60
C ASP B 168 -19.21 17.94 -32.58
N VAL B 169 -18.46 16.84 -32.46
CA VAL B 169 -16.97 16.83 -32.32
C VAL B 169 -16.35 17.18 -33.67
N THR B 170 -15.83 18.40 -33.81
CA THR B 170 -15.12 18.89 -35.02
C THR B 170 -13.62 18.63 -34.85
N TYR B 171 -13.11 17.58 -35.50
CA TYR B 171 -11.73 17.07 -35.36
C TYR B 171 -10.77 17.94 -36.19
N HIS B 172 -9.61 18.27 -35.61
CA HIS B 172 -8.55 19.11 -36.21
C HIS B 172 -7.23 18.33 -36.25
N GLY B 173 -6.47 18.47 -37.34
CA GLY B 173 -5.08 18.00 -37.44
C GLY B 173 -4.17 18.87 -36.60
N PHE B 174 -2.99 18.37 -36.21
CA PHE B 174 -2.06 19.07 -35.28
C PHE B 174 -1.33 20.18 -36.05
N PRO B 175 -1.26 21.41 -35.49
CA PRO B 175 -0.61 22.53 -36.18
C PRO B 175 0.90 22.31 -36.38
N ASN B 176 1.42 22.77 -37.54
CA ASN B 176 2.86 22.76 -37.87
C ASN B 176 3.55 23.93 -37.12
N LEU B 177 4.87 24.02 -37.23
CA LEU B 177 5.71 25.02 -36.51
C LEU B 177 5.37 26.44 -37.03
N HIS B 178 5.24 26.60 -38.35
CA HIS B 178 4.92 27.90 -39.02
C HIS B 178 3.62 28.49 -38.44
N ALA B 179 2.65 27.64 -38.11
CA ALA B 179 1.35 28.04 -37.51
C ALA B 179 1.52 28.38 -36.03
N LEU B 180 2.28 27.55 -35.29
CA LEU B 180 2.47 27.69 -33.82
C LEU B 180 3.43 28.85 -33.52
N ALA B 181 4.36 29.15 -34.44
CA ALA B 181 5.25 30.34 -34.39
C ALA B 181 4.42 31.57 -34.75
N GLY B 182 3.30 31.78 -34.06
CA GLY B 182 2.26 32.79 -34.37
C GLY B 182 2.42 34.03 -33.49
N PRO B 183 2.56 35.24 -34.09
CA PRO B 183 2.64 36.48 -33.32
C PRO B 183 1.55 36.66 -32.25
N GLU B 184 0.32 36.20 -32.52
CA GLU B 184 -0.84 36.29 -31.58
C GLU B 184 -1.15 34.90 -30.99
N ALA B 185 -0.19 33.97 -31.00
CA ALA B 185 -0.38 32.57 -30.55
C ALA B 185 -0.47 32.52 -29.02
N GLU B 186 0.47 33.18 -28.34
CA GLU B 186 0.56 33.22 -26.85
C GLU B 186 -0.72 33.83 -26.27
N THR B 187 -1.19 34.94 -26.85
CA THR B 187 -2.43 35.66 -26.44
C THR B 187 -3.63 34.71 -26.58
N HIS B 188 -3.76 34.06 -27.74
CA HIS B 188 -4.85 33.09 -28.06
C HIS B 188 -4.76 31.90 -27.11
N LEU B 189 -3.57 31.32 -26.95
CA LEU B 189 -3.29 30.15 -26.06
C LEU B 189 -3.63 30.52 -24.61
N ARG B 190 -3.29 31.73 -24.18
CA ARG B 190 -3.63 32.26 -22.82
C ARG B 190 -5.14 32.51 -22.73
N LYS B 191 -5.74 32.99 -23.83
CA LYS B 191 -7.21 33.19 -23.97
C LYS B 191 -7.93 31.83 -23.86
N LEU B 192 -7.28 30.76 -24.34
CA LEU B 192 -7.80 29.37 -24.27
C LEU B 192 -7.51 28.77 -22.88
N GLY B 193 -6.39 29.15 -22.26
CA GLY B 193 -6.04 28.84 -20.87
C GLY B 193 -4.86 27.88 -20.75
N LEU B 194 -3.75 28.21 -21.41
CA LEU B 194 -2.45 27.48 -21.30
C LEU B 194 -1.58 28.15 -20.23
N GLY B 195 -1.70 29.48 -20.09
CA GLY B 195 -0.91 30.28 -19.12
C GLY B 195 0.52 30.44 -19.58
N TYR B 196 1.48 30.05 -18.74
CA TYR B 196 2.95 30.13 -19.01
C TYR B 196 3.34 29.17 -20.14
N ARG B 197 2.58 28.08 -20.31
CA ARG B 197 2.80 27.05 -21.37
C ARG B 197 2.75 27.73 -22.75
N ALA B 198 1.80 28.64 -22.95
CA ALA B 198 1.57 29.41 -24.19
C ALA B 198 2.86 30.06 -24.67
N ARG B 199 3.69 30.54 -23.73
CA ARG B 199 4.97 31.24 -24.00
C ARG B 199 5.97 30.27 -24.65
N TYR B 200 6.14 29.08 -24.08
CA TYR B 200 7.16 28.06 -24.48
C TYR B 200 6.80 27.47 -25.85
N VAL B 201 5.51 27.17 -26.07
CA VAL B 201 4.97 26.62 -27.35
C VAL B 201 5.49 27.49 -28.51
N ARG B 202 5.20 28.79 -28.47
CA ARG B 202 5.55 29.76 -29.56
C ARG B 202 7.06 29.97 -29.59
N ALA B 203 7.71 30.01 -28.42
CA ALA B 203 9.17 30.20 -28.24
C ALA B 203 9.92 29.03 -28.88
N SER B 204 9.53 27.79 -28.55
CA SER B 204 10.11 26.54 -29.08
C SER B 204 9.80 26.40 -30.57
N ALA B 205 8.55 26.68 -30.97
CA ALA B 205 8.08 26.66 -32.37
C ALA B 205 8.93 27.62 -33.21
N LYS B 206 9.13 28.85 -32.72
CA LYS B 206 9.95 29.91 -33.37
C LYS B 206 11.41 29.48 -33.39
N ALA B 207 11.89 28.84 -32.31
CA ALA B 207 13.30 28.42 -32.12
C ALA B 207 13.68 27.32 -33.12
N ILE B 208 12.84 26.29 -33.26
CA ILE B 208 13.09 25.09 -34.13
C ILE B 208 13.26 25.56 -35.58
N LEU B 209 12.41 26.50 -36.04
CA LEU B 209 12.43 27.05 -37.42
C LEU B 209 13.67 27.94 -37.60
N GLU B 210 13.89 28.90 -36.68
CA GLU B 210 14.93 29.95 -36.78
C GLU B 210 16.32 29.34 -36.65
N GLU B 211 16.63 28.71 -35.51
CA GLU B 211 17.99 28.31 -35.09
C GLU B 211 18.35 26.91 -35.59
N GLN B 212 17.41 25.96 -35.50
CA GLN B 212 17.68 24.50 -35.67
C GLN B 212 17.62 24.13 -37.16
N GLY B 213 16.87 24.89 -37.98
CA GLY B 213 16.80 24.73 -39.43
C GLY B 213 15.63 23.86 -39.87
N GLY B 214 14.43 24.14 -39.35
CA GLY B 214 13.16 23.53 -39.77
C GLY B 214 12.80 22.29 -38.94
N PRO B 215 11.57 21.76 -39.10
CA PRO B 215 11.09 20.61 -38.31
C PRO B 215 11.84 19.29 -38.53
N ALA B 216 12.58 19.16 -39.64
CA ALA B 216 13.41 17.96 -39.97
C ALA B 216 14.41 17.67 -38.84
N TRP B 217 14.73 18.69 -38.03
CA TRP B 217 15.60 18.59 -36.82
C TRP B 217 15.04 17.55 -35.84
N LEU B 218 13.71 17.50 -35.67
CA LEU B 218 13.03 16.52 -34.76
C LEU B 218 13.22 15.10 -35.29
N GLN B 219 13.15 14.91 -36.62
CA GLN B 219 13.35 13.61 -37.29
C GLN B 219 14.82 13.19 -37.19
N GLN B 220 15.75 14.15 -37.09
CA GLN B 220 17.21 13.90 -36.96
C GLN B 220 17.51 13.36 -35.56
N LEU B 221 16.68 13.72 -34.57
CA LEU B 221 16.82 13.26 -33.15
C LEU B 221 16.22 11.86 -32.99
N ARG B 222 15.29 11.47 -33.87
CA ARG B 222 14.65 10.12 -33.88
C ARG B 222 15.70 9.06 -34.24
N VAL B 223 16.70 9.42 -35.05
CA VAL B 223 17.78 8.50 -35.54
C VAL B 223 19.05 8.68 -34.70
N ALA B 224 19.24 9.86 -34.09
CA ALA B 224 20.43 10.21 -33.27
C ALA B 224 20.43 9.38 -31.99
N PRO B 225 21.60 9.22 -31.31
CA PRO B 225 21.66 8.54 -30.02
C PRO B 225 20.89 9.29 -28.91
N TYR B 226 20.37 8.55 -27.93
CA TYR B 226 19.49 9.02 -26.83
C TYR B 226 20.09 10.25 -26.12
N GLU B 227 21.37 10.18 -25.75
CA GLU B 227 22.09 11.25 -25.01
C GLU B 227 22.03 12.56 -25.81
N GLU B 228 22.36 12.51 -27.10
CA GLU B 228 22.38 13.68 -28.02
C GLU B 228 20.95 14.23 -28.20
N ALA B 229 19.95 13.34 -28.27
CA ALA B 229 18.53 13.69 -28.48
C ALA B 229 17.98 14.42 -27.25
N HIS B 230 18.28 13.92 -26.04
CA HIS B 230 17.87 14.52 -24.75
C HIS B 230 18.55 15.88 -24.58
N LYS B 231 19.87 15.94 -24.84
CA LYS B 231 20.70 17.17 -24.77
C LYS B 231 20.09 18.25 -25.67
N ALA B 232 19.70 17.87 -26.89
CA ALA B 232 19.15 18.76 -27.95
C ALA B 232 17.81 19.36 -27.50
N LEU B 233 16.92 18.55 -26.95
CA LEU B 233 15.53 18.94 -26.58
C LEU B 233 15.53 19.94 -25.41
N CYS B 234 16.41 19.73 -24.42
CA CYS B 234 16.48 20.54 -23.17
C CYS B 234 16.80 22.01 -23.48
N THR B 235 17.43 22.28 -24.64
CA THR B 235 17.83 23.63 -25.09
C THR B 235 16.60 24.47 -25.48
N LEU B 236 15.45 23.81 -25.71
CA LEU B 236 14.17 24.49 -26.07
C LEU B 236 13.55 25.11 -24.81
N PRO B 237 12.94 26.32 -24.92
CA PRO B 237 12.15 26.88 -23.82
C PRO B 237 10.99 25.97 -23.41
N GLY B 238 10.86 25.71 -22.10
CA GLY B 238 9.74 24.92 -21.51
C GLY B 238 10.07 23.45 -21.38
N VAL B 239 11.12 22.97 -22.05
CA VAL B 239 11.54 21.54 -22.09
C VAL B 239 12.68 21.33 -21.09
N GLY B 240 12.42 20.57 -20.02
CA GLY B 240 13.42 20.10 -19.05
C GLY B 240 13.68 18.61 -19.21
N ALA B 241 14.41 18.00 -18.27
CA ALA B 241 14.80 16.58 -18.25
C ALA B 241 13.55 15.69 -18.44
N LYS B 242 12.47 16.00 -17.72
CA LYS B 242 11.23 15.18 -17.64
C LYS B 242 10.53 15.17 -19.01
N VAL B 243 10.31 16.35 -19.59
CA VAL B 243 9.61 16.54 -20.90
C VAL B 243 10.46 15.92 -22.02
N ALA B 244 11.77 16.17 -22.00
CA ALA B 244 12.75 15.67 -23.00
C ALA B 244 12.77 14.14 -22.99
N ASP B 245 12.66 13.52 -21.81
CA ASP B 245 12.61 12.05 -21.62
C ASP B 245 11.27 11.51 -22.12
N CYS B 246 10.18 12.21 -21.83
CA CYS B 246 8.80 11.88 -22.29
C CYS B 246 8.76 11.82 -23.82
N ILE B 247 9.31 12.84 -24.48
CA ILE B 247 9.33 12.98 -25.97
C ILE B 247 10.27 11.93 -26.56
N CYS B 248 11.46 11.76 -25.97
CA CYS B 248 12.48 10.74 -26.36
C CYS B 248 11.84 9.34 -26.39
N LEU B 249 11.10 9.00 -25.33
CA LEU B 249 10.48 7.65 -25.13
C LEU B 249 9.33 7.44 -26.12
N MET B 250 8.46 8.43 -26.28
CA MET B 250 7.11 8.27 -26.90
C MET B 250 7.12 8.65 -28.38
N ALA B 251 8.15 9.35 -28.87
CA ALA B 251 8.22 9.89 -30.25
C ALA B 251 9.55 9.54 -30.94
N LEU B 252 10.68 9.66 -30.25
CA LEU B 252 12.03 9.60 -30.86
C LEU B 252 12.63 8.19 -30.76
N ASP B 253 11.83 7.17 -30.46
CA ASP B 253 12.23 5.74 -30.44
C ASP B 253 13.43 5.56 -29.50
N LYS B 254 13.29 5.99 -28.24
CA LYS B 254 14.30 5.81 -27.16
C LYS B 254 13.66 5.01 -26.04
N PRO B 255 13.47 3.68 -26.19
CA PRO B 255 12.70 2.89 -25.22
C PRO B 255 13.35 2.80 -23.82
N GLN B 256 14.61 3.25 -23.69
CA GLN B 256 15.38 3.24 -22.42
C GLN B 256 15.14 4.54 -21.63
N ALA B 257 14.53 5.54 -22.27
CA ALA B 257 14.22 6.87 -21.66
C ALA B 257 13.20 6.68 -20.53
N VAL B 258 13.53 7.17 -19.33
CA VAL B 258 12.70 7.06 -18.08
C VAL B 258 12.41 8.48 -17.59
N PRO B 259 11.21 9.05 -17.89
CA PRO B 259 10.84 10.36 -17.36
C PRO B 259 10.68 10.33 -15.83
N VAL B 260 11.41 11.21 -15.12
CA VAL B 260 11.47 11.25 -13.64
C VAL B 260 10.82 12.53 -13.13
N ASP B 261 9.70 12.41 -12.42
CA ASP B 261 9.03 13.46 -11.62
C ASP B 261 8.88 12.95 -10.17
N VAL B 262 8.02 13.58 -9.37
CA VAL B 262 7.80 13.24 -7.93
C VAL B 262 7.15 11.85 -7.81
N HIS B 263 6.23 11.51 -8.70
CA HIS B 263 5.42 10.26 -8.66
C HIS B 263 6.34 9.03 -8.75
N VAL B 264 7.35 9.07 -9.63
CA VAL B 264 8.31 7.94 -9.84
C VAL B 264 9.30 7.94 -8.67
N TRP B 265 9.71 9.11 -8.18
CA TRP B 265 10.47 9.30 -6.92
C TRP B 265 9.77 8.56 -5.78
N GLN B 266 8.45 8.75 -5.63
CA GLN B 266 7.61 8.17 -4.56
C GLN B 266 7.51 6.65 -4.73
N ILE B 267 7.15 6.19 -5.93
CA ILE B 267 7.07 4.75 -6.29
C ILE B 267 8.43 4.09 -6.01
N ALA B 268 9.51 4.67 -6.52
CA ALA B 268 10.90 4.17 -6.40
C ALA B 268 11.27 4.02 -4.92
N HIS B 269 11.05 5.07 -4.13
CA HIS B 269 11.39 5.11 -2.68
C HIS B 269 10.54 4.08 -1.91
N ARG B 270 9.23 4.04 -2.15
CA ARG B 270 8.27 3.17 -1.41
C ARG B 270 8.51 1.69 -1.76
N ASP B 271 8.58 1.37 -3.05
CA ASP B 271 8.48 -0.02 -3.58
C ASP B 271 9.87 -0.65 -3.77
N TYR B 272 10.92 0.15 -3.94
CA TYR B 272 12.31 -0.33 -4.21
C TYR B 272 13.29 0.13 -3.12
N GLY B 273 12.81 0.85 -2.09
CA GLY B 273 13.64 1.34 -0.97
C GLY B 273 14.83 2.17 -1.44
N TRP B 274 14.63 2.98 -2.49
CA TRP B 274 15.70 3.75 -3.18
C TRP B 274 15.86 5.13 -2.52
N HIS B 275 17.10 5.51 -2.22
CA HIS B 275 17.48 6.87 -1.75
C HIS B 275 18.60 7.41 -2.64
N PRO B 276 18.66 8.74 -2.88
CA PRO B 276 19.74 9.33 -3.66
C PRO B 276 21.06 9.34 -2.88
N LYS B 277 22.18 9.04 -3.54
CA LYS B 277 23.54 9.14 -2.96
C LYS B 277 23.86 10.61 -2.73
N THR B 278 24.03 11.01 -1.47
CA THR B 278 24.22 12.42 -1.00
C THR B 278 24.65 13.32 -2.17
N GLY B 283 16.17 14.47 -1.51
CA GLY B 283 14.99 15.03 -2.21
C GLY B 283 15.31 15.37 -3.67
N PRO B 284 14.28 15.54 -4.54
CA PRO B 284 14.49 15.87 -5.95
C PRO B 284 15.52 16.98 -6.21
N SER B 285 16.43 16.73 -7.16
CA SER B 285 17.45 17.67 -7.68
C SER B 285 17.90 17.21 -9.06
N PRO B 286 18.56 18.07 -9.88
CA PRO B 286 18.98 17.69 -11.22
C PRO B 286 19.72 16.34 -11.31
N LEU B 287 20.67 16.09 -10.40
CA LEU B 287 21.55 14.88 -10.41
C LEU B 287 20.79 13.67 -9.87
N ALA B 288 19.98 13.85 -8.82
CA ALA B 288 19.17 12.79 -8.16
C ALA B 288 18.18 12.19 -9.18
N ASN B 289 17.51 13.04 -9.96
CA ASN B 289 16.55 12.63 -11.02
C ASN B 289 17.27 11.79 -12.06
N LYS B 290 18.45 12.23 -12.51
CA LYS B 290 19.30 11.53 -13.52
C LYS B 290 19.72 10.15 -12.97
N GLU B 291 20.14 10.10 -11.70
CA GLU B 291 20.56 8.85 -11.02
C GLU B 291 19.38 7.85 -11.01
N LEU B 292 18.17 8.34 -10.73
CA LEU B 292 16.94 7.50 -10.60
C LEU B 292 16.58 6.90 -11.97
N GLY B 293 16.80 7.64 -13.06
CA GLY B 293 16.63 7.16 -14.45
C GLY B 293 17.60 6.03 -14.77
N ASN B 294 18.88 6.19 -14.40
CA ASN B 294 19.95 5.17 -14.59
C ASN B 294 19.62 3.91 -13.78
N PHE B 295 19.11 4.08 -12.56
CA PHE B 295 18.74 2.97 -11.62
C PHE B 295 17.71 2.06 -12.28
N PHE B 296 16.71 2.64 -12.96
CA PHE B 296 15.57 1.89 -13.58
C PHE B 296 16.01 1.24 -14.90
N ARG B 297 16.97 1.85 -15.60
CA ARG B 297 17.62 1.25 -16.81
C ARG B 297 18.47 0.04 -16.38
N ASN B 298 19.19 0.16 -15.26
CA ASN B 298 20.04 -0.93 -14.68
C ASN B 298 19.15 -2.09 -14.22
N LEU B 299 17.93 -1.79 -13.75
CA LEU B 299 16.97 -2.79 -13.21
C LEU B 299 16.22 -3.46 -14.36
N TRP B 300 15.64 -2.68 -15.27
CA TRP B 300 14.69 -3.16 -16.31
C TRP B 300 15.39 -3.42 -17.65
N GLY B 301 16.45 -2.67 -17.98
CA GLY B 301 17.25 -2.88 -19.21
C GLY B 301 16.91 -1.86 -20.29
N PRO B 302 17.09 -2.21 -21.59
CA PRO B 302 16.97 -1.24 -22.69
C PRO B 302 15.54 -0.75 -22.98
N TYR B 303 14.51 -1.45 -22.47
CA TYR B 303 13.07 -1.07 -22.60
C TYR B 303 12.54 -0.61 -21.23
N ALA B 304 13.37 0.12 -20.47
CA ALA B 304 13.05 0.60 -19.10
C ALA B 304 11.79 1.49 -19.13
N GLY B 305 11.71 2.39 -20.11
CA GLY B 305 10.57 3.32 -20.31
C GLY B 305 9.24 2.60 -20.47
N TRP B 306 9.25 1.47 -21.20
CA TRP B 306 8.06 0.61 -21.43
C TRP B 306 7.60 0.01 -20.10
N ALA B 307 8.53 -0.49 -19.29
CA ALA B 307 8.29 -1.09 -17.96
C ALA B 307 7.64 -0.04 -17.04
N GLN B 308 8.08 1.21 -17.13
CA GLN B 308 7.56 2.36 -16.33
C GLN B 308 6.08 2.59 -16.69
N ALA B 309 5.73 2.48 -17.97
CA ALA B 309 4.35 2.67 -18.49
C ALA B 309 3.38 1.68 -17.84
N VAL B 310 3.85 0.46 -17.56
CA VAL B 310 3.05 -0.62 -16.92
C VAL B 310 2.72 -0.19 -15.48
N LEU B 311 3.72 0.27 -14.73
CA LEU B 311 3.57 0.73 -13.32
C LEU B 311 2.70 1.99 -13.28
N PHE B 312 2.91 2.94 -14.20
CA PHE B 312 2.14 4.20 -14.33
C PHE B 312 0.66 3.87 -14.59
N SER B 313 0.38 3.12 -15.65
CA SER B 313 -0.99 2.69 -16.07
C SER B 313 -1.67 1.89 -14.96
N ALA B 314 -0.90 1.14 -14.17
CA ALA B 314 -1.37 0.33 -13.02
C ALA B 314 -1.71 1.24 -11.83
N ASP B 315 -1.04 2.39 -11.73
CA ASP B 315 -1.21 3.38 -10.63
C ASP B 315 -2.50 4.19 -10.86
N LEU B 316 -3.07 4.14 -12.07
CA LEU B 316 -4.40 4.73 -12.41
C LEU B 316 -5.50 3.74 -12.02
N GLY C 1 1.24 -55.93 -3.43
CA GLY C 1 0.23 -55.16 -2.64
C GLY C 1 -0.63 -54.28 -3.52
N SER C 2 -1.80 -53.87 -3.02
CA SER C 2 -2.79 -53.00 -3.71
C SER C 2 -2.17 -51.62 -3.96
N HIS C 3 -2.62 -50.95 -5.04
CA HIS C 3 -2.30 -49.53 -5.34
C HIS C 3 -2.82 -48.66 -4.19
N MET C 4 -1.91 -48.04 -3.44
CA MET C 4 -2.24 -47.16 -2.29
C MET C 4 -2.44 -45.72 -2.79
N ARG C 5 -3.48 -45.04 -2.30
CA ARG C 5 -3.89 -43.67 -2.73
C ARG C 5 -3.80 -42.72 -1.54
N HIS C 6 -3.68 -41.41 -1.83
CA HIS C 6 -3.73 -40.31 -0.83
C HIS C 6 -5.11 -40.32 -0.16
N ARG C 7 -5.14 -40.36 1.18
CA ARG C 7 -6.38 -40.49 1.99
C ARG C 7 -7.04 -39.11 2.18
N THR C 8 -8.33 -39.12 2.49
CA THR C 8 -9.14 -37.95 2.92
C THR C 8 -9.88 -38.32 4.22
N LEU C 9 -10.36 -37.32 4.96
CA LEU C 9 -10.98 -37.49 6.31
C LEU C 9 -12.27 -38.32 6.20
N SER C 10 -12.94 -38.30 5.04
CA SER C 10 -14.20 -39.04 4.75
C SER C 10 -13.89 -40.42 4.16
N SER C 11 -12.89 -40.52 3.28
CA SER C 11 -12.53 -41.75 2.53
C SER C 11 -12.11 -42.87 3.49
N SER C 12 -11.31 -42.55 4.51
CA SER C 12 -10.57 -43.53 5.35
C SER C 12 -10.72 -43.23 6.84
N PRO C 13 -11.95 -43.00 7.36
CA PRO C 13 -12.13 -42.38 8.68
C PRO C 13 -11.44 -43.11 9.86
N ALA C 14 -11.25 -44.42 9.74
CA ALA C 14 -10.67 -45.29 10.80
C ALA C 14 -9.19 -44.97 11.02
N LEU C 15 -8.46 -44.60 9.96
CA LEU C 15 -6.99 -44.40 9.97
C LEU C 15 -6.62 -42.97 10.37
N TRP C 16 -7.59 -42.15 10.77
CA TRP C 16 -7.40 -40.72 11.16
C TRP C 16 -7.51 -40.57 12.68
N ALA C 17 -6.44 -40.10 13.32
CA ALA C 17 -6.42 -39.59 14.71
C ALA C 17 -6.53 -38.06 14.68
N SER C 18 -6.90 -37.45 15.80
CA SER C 18 -7.12 -35.98 15.94
C SER C 18 -6.37 -35.44 17.17
N ILE C 19 -5.92 -34.18 17.08
CA ILE C 19 -5.29 -33.41 18.20
C ILE C 19 -6.04 -32.08 18.30
N PRO C 20 -6.52 -31.69 19.51
CA PRO C 20 -7.31 -30.46 19.66
C PRO C 20 -6.51 -29.22 19.26
N CYS C 21 -6.90 -28.57 18.15
CA CYS C 21 -6.17 -27.47 17.50
C CYS C 21 -7.14 -26.49 16.84
N PRO C 22 -7.43 -25.33 17.46
CA PRO C 22 -8.19 -24.27 16.79
C PRO C 22 -7.48 -23.80 15.52
N ARG C 23 -8.24 -23.40 14.49
CA ARG C 23 -7.68 -22.87 13.21
C ARG C 23 -7.06 -21.49 13.48
N SER C 24 -7.35 -20.89 14.64
CA SER C 24 -6.75 -19.61 15.12
C SER C 24 -5.32 -19.85 15.63
N GLU C 25 -5.03 -21.07 16.10
CA GLU C 25 -3.71 -21.46 16.69
C GLU C 25 -2.79 -22.00 15.60
N LEU C 26 -3.33 -22.51 14.50
CA LEU C 26 -2.54 -23.08 13.36
C LEU C 26 -3.41 -23.14 12.10
N ARG C 27 -2.97 -22.48 11.02
CA ARG C 27 -3.54 -22.60 9.66
C ARG C 27 -2.49 -23.27 8.75
N LEU C 28 -2.75 -24.51 8.35
CA LEU C 28 -1.82 -25.38 7.57
C LEU C 28 -1.42 -24.69 6.26
N ASP C 29 -2.37 -24.01 5.60
CA ASP C 29 -2.21 -23.39 4.26
C ASP C 29 -1.28 -22.17 4.33
N LEU C 30 -0.98 -21.65 5.54
CA LEU C 30 -0.10 -20.47 5.75
C LEU C 30 1.25 -20.89 6.34
N VAL C 31 1.46 -22.19 6.60
CA VAL C 31 2.65 -22.71 7.36
C VAL C 31 3.46 -23.69 6.49
N LEU C 32 2.81 -24.68 5.89
CA LEU C 32 3.47 -25.88 5.31
C LEU C 32 4.16 -25.56 3.98
N ALA C 33 3.66 -24.58 3.22
CA ALA C 33 4.21 -24.16 1.90
C ALA C 33 4.52 -22.66 1.88
N SER C 34 4.82 -22.08 3.07
CA SER C 34 5.09 -20.63 3.26
C SER C 34 6.59 -20.40 3.49
N GLY C 35 7.46 -21.22 2.89
CA GLY C 35 8.91 -21.01 2.82
C GLY C 35 9.65 -21.45 4.08
N GLN C 36 9.01 -22.25 4.94
CA GLN C 36 9.66 -22.86 6.13
C GLN C 36 10.27 -24.21 5.72
N SER C 37 9.44 -25.21 5.45
CA SER C 37 9.83 -26.53 4.85
C SER C 37 9.22 -26.64 3.44
N PHE C 38 9.84 -27.44 2.58
CA PHE C 38 9.51 -27.57 1.14
C PHE C 38 9.10 -29.01 0.82
N ARG C 39 8.61 -29.75 1.82
CA ARG C 39 8.31 -31.21 1.72
C ARG C 39 6.81 -31.45 1.49
N TRP C 40 5.96 -30.50 1.90
CA TRP C 40 4.48 -30.63 1.86
C TRP C 40 3.93 -30.13 0.51
N LYS C 41 3.04 -30.90 -0.09
CA LYS C 41 2.23 -30.51 -1.28
C LYS C 41 0.76 -30.81 -0.98
N GLU C 42 -0.15 -29.99 -1.51
CA GLU C 42 -1.63 -30.18 -1.39
C GLU C 42 -2.07 -31.10 -2.53
N GLN C 43 -2.23 -32.41 -2.24
CA GLN C 43 -2.55 -33.46 -3.25
C GLN C 43 -4.05 -33.45 -3.56
N SER C 44 -4.88 -33.21 -2.53
CA SER C 44 -6.35 -32.96 -2.66
C SER C 44 -6.73 -31.79 -1.76
N PRO C 45 -7.81 -31.04 -2.09
CA PRO C 45 -8.17 -29.83 -1.34
C PRO C 45 -8.20 -30.01 0.19
N ALA C 46 -7.49 -29.12 0.91
CA ALA C 46 -7.43 -29.03 2.39
C ALA C 46 -6.75 -30.27 2.99
N HIS C 47 -5.97 -31.01 2.19
CA HIS C 47 -5.22 -32.22 2.62
C HIS C 47 -3.76 -32.07 2.20
N TRP C 48 -2.84 -31.99 3.17
CA TRP C 48 -1.39 -31.76 2.97
C TRP C 48 -0.61 -33.05 3.25
N SER C 49 0.09 -33.58 2.23
CA SER C 49 0.87 -34.84 2.29
C SER C 49 2.37 -34.53 2.17
N GLY C 50 3.18 -35.07 3.09
CA GLY C 50 4.64 -34.88 3.13
C GLY C 50 5.33 -35.86 4.06
N VAL C 51 6.64 -36.01 3.91
CA VAL C 51 7.50 -36.90 4.74
C VAL C 51 7.89 -36.14 6.02
N LEU C 52 7.94 -36.86 7.15
CA LEU C 52 8.40 -36.33 8.46
C LEU C 52 9.03 -37.48 9.26
N ALA C 53 10.38 -37.60 9.18
CA ALA C 53 11.20 -38.61 9.88
C ALA C 53 10.91 -40.01 9.33
N ASP C 54 11.29 -40.25 8.06
CA ASP C 54 11.14 -41.55 7.35
C ASP C 54 9.72 -42.10 7.55
N GLN C 55 8.71 -41.27 7.25
CA GLN C 55 7.27 -41.61 7.39
C GLN C 55 6.44 -40.52 6.68
N VAL C 56 5.58 -40.93 5.74
CA VAL C 56 4.64 -40.02 5.01
C VAL C 56 3.42 -39.76 5.90
N TRP C 57 2.99 -38.50 5.97
CA TRP C 57 1.78 -38.04 6.71
C TRP C 57 0.81 -37.37 5.72
N THR C 58 -0.48 -37.35 6.06
CA THR C 58 -1.50 -36.46 5.43
C THR C 58 -2.20 -35.68 6.55
N LEU C 59 -2.23 -34.35 6.43
CA LEU C 59 -2.76 -33.42 7.46
C LEU C 59 -3.97 -32.66 6.90
N THR C 60 -5.00 -32.50 7.72
CA THR C 60 -6.20 -31.66 7.46
C THR C 60 -6.74 -31.17 8.80
N GLN C 61 -7.50 -30.07 8.81
CA GLN C 61 -8.07 -29.46 10.04
C GLN C 61 -9.53 -29.06 9.79
N THR C 62 -10.33 -29.13 10.85
CA THR C 62 -11.64 -28.44 10.98
C THR C 62 -11.39 -27.14 11.76
N GLU C 63 -12.44 -26.48 12.24
CA GLU C 63 -12.33 -25.20 13.01
C GLU C 63 -11.74 -25.47 14.40
N ASP C 64 -11.77 -26.72 14.87
CA ASP C 64 -11.46 -27.08 16.28
C ASP C 64 -10.38 -28.16 16.39
N GLN C 65 -10.20 -29.01 15.36
CA GLN C 65 -9.34 -30.23 15.43
C GLN C 65 -8.35 -30.27 14.26
N LEU C 66 -7.15 -30.80 14.51
CA LEU C 66 -6.12 -31.15 13.48
C LEU C 66 -6.19 -32.67 13.26
N TYR C 67 -6.85 -33.11 12.19
CA TYR C 67 -6.98 -34.54 11.79
C TYR C 67 -5.75 -34.93 10.95
N CYS C 68 -5.03 -35.97 11.38
CA CYS C 68 -3.79 -36.47 10.74
C CYS C 68 -3.86 -37.98 10.54
N THR C 69 -3.13 -38.49 9.54
CA THR C 69 -2.94 -39.94 9.27
C THR C 69 -1.48 -40.18 8.87
N VAL C 70 -0.93 -41.34 9.24
CA VAL C 70 0.45 -41.79 8.86
C VAL C 70 0.32 -43.05 8.01
N TYR C 71 1.16 -43.17 6.97
CA TYR C 71 1.16 -44.30 6.01
C TYR C 71 2.26 -45.30 6.40
N ARG C 72 1.89 -46.59 6.45
CA ARG C 72 2.80 -47.73 6.73
C ARG C 72 2.71 -48.68 5.54
N GLY C 73 3.86 -49.09 4.98
CA GLY C 73 3.97 -49.92 3.77
C GLY C 73 3.31 -51.29 3.96
N VAL C 78 -1.94 -51.47 8.36
CA VAL C 78 -2.42 -50.05 8.31
C VAL C 78 -3.34 -49.83 9.52
N SER C 79 -3.13 -48.73 10.26
CA SER C 79 -3.85 -48.39 11.52
C SER C 79 -3.76 -46.89 11.80
N ARG C 80 -4.36 -46.45 12.93
CA ARG C 80 -4.40 -45.02 13.37
C ARG C 80 -3.05 -44.66 14.00
N PRO C 81 -2.63 -43.37 13.96
CA PRO C 81 -1.40 -42.95 14.65
C PRO C 81 -1.39 -43.28 16.16
N THR C 82 -0.19 -43.44 16.73
CA THR C 82 0.04 -43.81 18.15
C THR C 82 -0.12 -42.58 19.04
N LEU C 83 0.16 -42.73 20.34
CA LEU C 83 0.24 -41.61 21.32
C LEU C 83 1.64 -40.98 21.27
N GLU C 84 2.62 -41.68 20.69
CA GLU C 84 4.02 -41.21 20.51
C GLU C 84 4.12 -40.40 19.19
N GLU C 85 3.41 -40.84 18.15
CA GLU C 85 3.43 -40.21 16.80
C GLU C 85 2.60 -38.91 16.82
N LEU C 86 1.50 -38.88 17.59
CA LEU C 86 0.70 -37.65 17.81
C LEU C 86 1.47 -36.68 18.71
N GLU C 87 2.41 -37.20 19.51
CA GLU C 87 3.34 -36.40 20.36
C GLU C 87 4.41 -35.76 19.46
N THR C 88 4.82 -36.45 18.39
CA THR C 88 5.83 -35.99 17.39
C THR C 88 5.30 -34.75 16.65
N LEU C 89 4.04 -34.78 16.21
CA LEU C 89 3.37 -33.67 15.48
C LEU C 89 3.12 -32.49 16.43
N HIS C 90 2.74 -32.76 17.69
CA HIS C 90 2.51 -31.74 18.74
C HIS C 90 3.81 -30.96 19.00
N LYS C 91 4.96 -31.62 18.86
CA LYS C 91 6.31 -31.02 18.99
C LYS C 91 6.71 -30.32 17.67
N TYR C 92 6.29 -30.88 16.53
CA TYR C 92 6.59 -30.36 15.16
C TYR C 92 5.96 -28.98 14.96
N PHE C 93 4.73 -28.79 15.46
CA PHE C 93 3.96 -27.52 15.37
C PHE C 93 4.16 -26.67 16.64
N GLN C 94 4.77 -27.24 17.68
CA GLN C 94 5.12 -26.52 18.94
C GLN C 94 3.83 -25.94 19.55
N LEU C 95 2.81 -26.77 19.77
CA LEU C 95 1.44 -26.35 20.15
C LEU C 95 1.37 -26.02 21.64
N ASP C 96 2.45 -26.24 22.39
CA ASP C 96 2.64 -25.72 23.78
C ASP C 96 2.56 -24.19 23.74
N VAL C 97 3.23 -23.57 22.75
CA VAL C 97 3.32 -22.10 22.55
C VAL C 97 1.93 -21.58 22.15
N SER C 98 1.39 -20.62 22.91
CA SER C 98 0.09 -19.95 22.67
C SER C 98 0.27 -18.80 21.67
N LEU C 99 -0.39 -18.89 20.52
CA LEU C 99 -0.28 -17.90 19.41
C LEU C 99 -1.21 -16.71 19.70
N ALA C 100 -2.36 -16.97 20.33
CA ALA C 100 -3.33 -15.96 20.81
C ALA C 100 -2.63 -14.94 21.72
N GLN C 101 -1.72 -15.43 22.57
N GLN C 101 -1.72 -15.41 22.57
CA GLN C 101 -0.87 -14.60 23.47
CA GLN C 101 -0.87 -14.59 23.47
C GLN C 101 0.09 -13.74 22.64
C GLN C 101 0.09 -13.74 22.64
N LEU C 102 0.83 -14.37 21.73
CA LEU C 102 1.88 -13.70 20.89
C LEU C 102 1.23 -12.63 20.01
N TYR C 103 0.14 -12.99 19.29
CA TYR C 103 -0.65 -12.08 18.43
C TYR C 103 -1.16 -10.90 19.28
N SER C 104 -1.60 -11.16 20.52
CA SER C 104 -2.11 -10.15 21.47
C SER C 104 -0.98 -9.20 21.91
N HIS C 105 0.23 -9.75 22.15
CA HIS C 105 1.43 -9.00 22.59
C HIS C 105 1.95 -8.13 21.44
N TRP C 106 2.24 -8.73 20.28
CA TRP C 106 2.79 -8.05 19.08
C TRP C 106 1.84 -6.91 18.65
N ALA C 107 0.53 -7.17 18.66
CA ALA C 107 -0.54 -6.26 18.19
C ALA C 107 -0.63 -5.02 19.09
N SER C 108 -0.23 -5.14 20.37
CA SER C 108 -0.33 -4.07 21.40
C SER C 108 0.94 -3.21 21.40
N VAL C 109 2.02 -3.67 20.77
CA VAL C 109 3.34 -2.96 20.72
C VAL C 109 3.73 -2.68 19.26
N ASP C 110 2.81 -2.92 18.30
CA ASP C 110 3.05 -2.71 16.85
C ASP C 110 1.71 -2.59 16.13
N SER C 111 1.42 -1.41 15.56
CA SER C 111 0.15 -1.08 14.87
C SER C 111 0.10 -1.74 13.48
N HIS C 112 1.26 -1.93 12.84
CA HIS C 112 1.38 -2.58 11.50
C HIS C 112 0.93 -4.04 11.60
N PHE C 113 1.55 -4.81 12.51
CA PHE C 113 1.21 -6.23 12.78
C PHE C 113 -0.27 -6.34 13.13
N GLN C 114 -0.74 -5.52 14.07
CA GLN C 114 -2.16 -5.45 14.52
C GLN C 114 -3.08 -5.53 13.30
N ARG C 115 -2.79 -4.73 12.27
CA ARG C 115 -3.61 -4.60 11.03
C ARG C 115 -3.53 -5.90 10.22
N VAL C 116 -2.32 -6.36 9.90
CA VAL C 116 -2.05 -7.50 8.96
C VAL C 116 -2.46 -8.82 9.63
N ALA C 117 -2.10 -9.01 10.91
CA ALA C 117 -2.32 -10.25 11.69
C ALA C 117 -3.81 -10.61 11.76
N GLN C 118 -4.69 -9.61 11.71
CA GLN C 118 -6.17 -9.78 11.73
C GLN C 118 -6.61 -10.73 10.60
N LYS C 119 -6.00 -10.60 9.41
CA LYS C 119 -6.38 -11.34 8.18
C LYS C 119 -5.44 -12.53 7.93
N PHE C 120 -4.45 -12.75 8.82
CA PHE C 120 -3.46 -13.86 8.73
C PHE C 120 -3.27 -14.48 10.12
N GLN C 121 -4.29 -15.23 10.56
CA GLN C 121 -4.34 -15.91 11.88
C GLN C 121 -3.73 -17.31 11.75
N GLY C 122 -3.16 -17.85 12.83
CA GLY C 122 -2.67 -19.24 12.92
C GLY C 122 -1.40 -19.47 12.14
N VAL C 123 -0.53 -18.46 12.06
CA VAL C 123 0.83 -18.56 11.43
C VAL C 123 1.86 -18.79 12.53
N ARG C 124 2.32 -20.02 12.69
CA ARG C 124 3.34 -20.42 13.69
C ARG C 124 4.54 -21.03 12.97
N LEU C 125 5.55 -21.46 13.72
CA LEU C 125 6.86 -21.94 13.20
C LEU C 125 6.97 -23.45 13.42
N LEU C 126 7.40 -24.19 12.39
CA LEU C 126 7.61 -25.65 12.43
C LEU C 126 8.96 -25.94 13.11
N ARG C 127 8.99 -26.92 14.03
CA ARG C 127 10.22 -27.42 14.67
C ARG C 127 10.86 -28.46 13.74
N GLN C 128 11.53 -28.00 12.69
CA GLN C 128 12.11 -28.83 11.61
C GLN C 128 13.34 -29.58 12.15
N ASP C 129 13.76 -30.63 11.43
CA ASP C 129 14.98 -31.42 11.71
C ASP C 129 16.20 -30.56 11.36
N PRO C 130 17.11 -30.31 12.33
CA PRO C 130 18.31 -29.51 12.07
C PRO C 130 19.05 -29.82 10.76
N THR C 131 19.23 -31.11 10.45
CA THR C 131 19.91 -31.59 9.23
C THR C 131 19.09 -31.21 7.99
N GLU C 132 17.81 -31.59 7.98
CA GLU C 132 16.87 -31.37 6.84
C GLU C 132 16.77 -29.87 6.53
N CYS C 133 16.65 -29.03 7.56
CA CYS C 133 16.54 -27.56 7.46
C CYS C 133 17.79 -26.99 6.79
N LEU C 134 18.97 -27.35 7.31
CA LEU C 134 20.30 -26.82 6.86
C LEU C 134 20.45 -26.98 5.35
N PHE C 135 20.53 -28.23 4.86
CA PHE C 135 20.88 -28.59 3.46
C PHE C 135 19.83 -28.07 2.48
N SER C 136 18.57 -27.98 2.92
CA SER C 136 17.45 -27.38 2.12
C SER C 136 17.71 -25.89 1.90
N PHE C 137 18.35 -25.21 2.87
CA PHE C 137 18.60 -23.75 2.87
C PHE C 137 20.01 -23.43 2.33
N ILE C 138 20.89 -24.44 2.22
CA ILE C 138 22.21 -24.30 1.54
C ILE C 138 21.97 -24.24 0.02
N CYS C 139 20.84 -24.79 -0.44
CA CYS C 139 20.40 -24.80 -1.87
C CYS C 139 19.69 -23.48 -2.23
N SER C 140 19.12 -22.78 -1.24
CA SER C 140 18.34 -21.51 -1.40
C SER C 140 18.82 -20.74 -2.64
N SER C 141 20.06 -20.23 -2.59
CA SER C 141 20.81 -19.64 -3.74
C SER C 141 19.98 -18.57 -4.47
N ASN C 142 19.20 -17.79 -3.71
CA ASN C 142 18.37 -16.66 -4.23
C ASN C 142 17.22 -17.18 -5.11
N ASN C 143 16.91 -18.49 -5.02
CA ASN C 143 15.82 -19.14 -5.80
C ASN C 143 14.49 -18.88 -5.10
N ASN C 144 13.37 -19.18 -5.77
CA ASN C 144 11.99 -19.07 -5.23
C ASN C 144 11.65 -20.38 -4.50
N ILE C 145 10.42 -20.49 -3.98
CA ILE C 145 9.93 -21.69 -3.22
C ILE C 145 9.83 -22.89 -4.17
N ALA C 146 9.29 -22.68 -5.38
CA ALA C 146 9.11 -23.73 -6.42
C ALA C 146 10.46 -24.39 -6.75
N ARG C 147 11.51 -23.60 -6.92
CA ARG C 147 12.88 -24.06 -7.30
C ARG C 147 13.45 -24.95 -6.19
N ILE C 148 13.39 -24.48 -4.93
CA ILE C 148 13.95 -25.19 -3.73
C ILE C 148 13.12 -26.46 -3.49
N THR C 149 11.80 -26.40 -3.64
CA THR C 149 10.87 -27.56 -3.53
C THR C 149 11.27 -28.64 -4.54
N GLY C 150 11.63 -28.22 -5.76
CA GLY C 150 12.14 -29.11 -6.83
C GLY C 150 13.45 -29.77 -6.42
N MET C 151 14.47 -28.96 -6.15
CA MET C 151 15.84 -29.39 -5.75
C MET C 151 15.77 -30.42 -4.62
N VAL C 152 15.01 -30.11 -3.56
CA VAL C 152 14.90 -30.92 -2.30
C VAL C 152 14.24 -32.27 -2.62
N GLU C 153 13.22 -32.27 -3.48
CA GLU C 153 12.49 -33.49 -3.92
C GLU C 153 13.46 -34.43 -4.66
N ARG C 154 14.23 -33.86 -5.60
CA ARG C 154 15.22 -34.59 -6.44
C ARG C 154 16.38 -35.09 -5.55
N LEU C 155 16.80 -34.28 -4.57
CA LEU C 155 17.88 -34.61 -3.61
C LEU C 155 17.50 -35.85 -2.80
N CYS C 156 16.28 -35.86 -2.24
CA CYS C 156 15.74 -36.98 -1.41
C CYS C 156 15.54 -38.23 -2.29
N GLN C 157 15.12 -38.05 -3.54
CA GLN C 157 14.88 -39.15 -4.52
C GLN C 157 16.20 -39.87 -4.83
N ALA C 158 17.28 -39.12 -5.04
CA ALA C 158 18.60 -39.61 -5.51
C ALA C 158 19.41 -40.18 -4.33
N PHE C 159 19.44 -39.47 -3.20
CA PHE C 159 20.34 -39.73 -2.05
C PHE C 159 19.57 -40.35 -0.86
N GLY C 160 18.24 -40.26 -0.84
CA GLY C 160 17.40 -40.66 0.30
C GLY C 160 16.73 -42.01 0.09
N PRO C 161 16.31 -42.70 1.18
CA PRO C 161 15.69 -44.02 1.08
C PRO C 161 14.22 -43.96 0.66
N ARG C 162 13.87 -44.66 -0.44
CA ARG C 162 12.48 -44.85 -0.92
C ARG C 162 11.62 -45.37 0.24
N LEU C 163 10.55 -44.66 0.59
CA LEU C 163 9.67 -44.97 1.76
C LEU C 163 8.41 -45.70 1.30
N ILE C 164 7.62 -45.05 0.42
CA ILE C 164 6.27 -45.55 -0.02
C ILE C 164 5.83 -44.76 -1.26
N GLN C 165 4.94 -45.34 -2.06
CA GLN C 165 4.31 -44.70 -3.24
C GLN C 165 2.81 -44.51 -2.99
N LEU C 166 2.31 -43.29 -3.19
CA LEU C 166 0.86 -42.92 -3.11
C LEU C 166 0.47 -42.19 -4.40
N ASP C 167 -0.58 -42.68 -5.07
CA ASP C 167 -0.97 -42.25 -6.45
C ASP C 167 0.26 -42.42 -7.35
N ASP C 168 0.77 -41.34 -7.96
CA ASP C 168 1.98 -41.39 -8.83
C ASP C 168 3.08 -40.49 -8.23
N VAL C 169 3.26 -40.56 -6.91
CA VAL C 169 4.28 -39.77 -6.14
C VAL C 169 5.06 -40.73 -5.24
N THR C 170 6.36 -40.92 -5.53
CA THR C 170 7.29 -41.75 -4.72
C THR C 170 7.93 -40.87 -3.63
N TYR C 171 7.63 -41.17 -2.37
CA TYR C 171 8.15 -40.45 -1.18
C TYR C 171 9.48 -41.07 -0.74
N HIS C 172 10.49 -40.24 -0.50
CA HIS C 172 11.84 -40.61 -0.02
C HIS C 172 12.15 -39.85 1.27
N GLY C 173 12.85 -40.49 2.21
CA GLY C 173 13.38 -39.85 3.43
C GLY C 173 14.48 -38.87 3.07
N PHE C 174 14.82 -37.95 3.99
CA PHE C 174 15.93 -36.97 3.81
C PHE C 174 17.26 -37.70 3.99
N PRO C 175 18.24 -37.52 3.09
CA PRO C 175 19.53 -38.20 3.19
C PRO C 175 20.24 -38.03 4.54
N ASN C 176 20.89 -39.09 5.03
CA ASN C 176 21.83 -39.05 6.18
C ASN C 176 23.14 -38.41 5.69
N LEU C 177 23.95 -37.86 6.61
CA LEU C 177 25.15 -37.05 6.31
C LEU C 177 26.10 -37.84 5.39
N HIS C 178 26.33 -39.12 5.69
CA HIS C 178 27.23 -40.05 4.95
C HIS C 178 26.89 -40.08 3.45
N ALA C 179 25.59 -40.06 3.12
CA ALA C 179 25.07 -40.10 1.73
C ALA C 179 25.51 -38.83 0.97
N LEU C 180 25.39 -37.67 1.62
CA LEU C 180 25.77 -36.34 1.05
C LEU C 180 27.29 -36.14 1.16
N ALA C 181 27.97 -36.95 1.98
CA ALA C 181 29.41 -36.85 2.29
C ALA C 181 30.22 -37.90 1.51
N GLY C 182 29.63 -38.51 0.49
CA GLY C 182 30.27 -39.56 -0.34
C GLY C 182 31.31 -38.98 -1.30
N PRO C 183 31.96 -39.83 -2.12
CA PRO C 183 33.01 -39.35 -3.03
C PRO C 183 32.45 -38.62 -4.26
N GLU C 184 31.52 -39.27 -4.98
CA GLU C 184 30.89 -38.73 -6.22
C GLU C 184 29.64 -37.90 -5.88
N ALA C 185 29.44 -37.58 -4.59
CA ALA C 185 28.36 -36.71 -4.09
C ALA C 185 28.24 -35.46 -4.98
N GLU C 186 29.29 -34.63 -5.01
CA GLU C 186 29.31 -33.31 -5.71
C GLU C 186 28.93 -33.51 -7.18
N THR C 187 29.59 -34.45 -7.87
CA THR C 187 29.31 -34.83 -9.28
C THR C 187 27.84 -35.23 -9.42
N HIS C 188 27.31 -36.01 -8.47
CA HIS C 188 25.91 -36.51 -8.43
C HIS C 188 24.96 -35.40 -7.98
N LEU C 189 25.39 -34.56 -7.03
CA LEU C 189 24.64 -33.39 -6.50
C LEU C 189 24.51 -32.33 -7.61
N ARG C 190 25.60 -32.09 -8.36
CA ARG C 190 25.68 -31.10 -9.46
C ARG C 190 24.94 -31.61 -10.70
N LYS C 191 24.78 -32.94 -10.82
CA LYS C 191 24.00 -33.60 -11.91
C LYS C 191 22.58 -33.03 -11.94
N LEU C 192 22.06 -32.62 -10.77
CA LEU C 192 20.72 -32.00 -10.60
C LEU C 192 20.73 -30.58 -11.21
N GLY C 193 20.70 -29.54 -10.38
CA GLY C 193 20.88 -28.14 -10.80
C GLY C 193 21.35 -27.26 -9.66
N LEU C 194 22.22 -27.80 -8.79
CA LEU C 194 22.72 -27.13 -7.55
C LEU C 194 23.89 -26.20 -7.91
N GLY C 195 24.76 -26.63 -8.82
CA GLY C 195 25.88 -25.81 -9.34
C GLY C 195 27.12 -25.93 -8.46
N TYR C 196 27.61 -24.80 -7.94
CA TYR C 196 28.84 -24.69 -7.10
C TYR C 196 28.50 -24.89 -5.62
N ARG C 197 27.21 -24.99 -5.29
CA ARG C 197 26.72 -25.20 -3.89
C ARG C 197 26.86 -26.70 -3.54
N ALA C 198 26.96 -27.55 -4.57
CA ALA C 198 27.19 -29.01 -4.46
C ALA C 198 28.41 -29.30 -3.57
N ARG C 199 29.45 -28.46 -3.67
CA ARG C 199 30.69 -28.55 -2.85
C ARG C 199 30.36 -28.18 -1.40
N TYR C 200 29.68 -27.04 -1.20
CA TYR C 200 29.34 -26.47 0.13
C TYR C 200 28.35 -27.39 0.87
N VAL C 201 27.61 -28.23 0.14
CA VAL C 201 26.72 -29.28 0.73
C VAL C 201 27.59 -30.36 1.36
N ARG C 202 28.42 -31.05 0.57
CA ARG C 202 29.29 -32.17 1.05
C ARG C 202 30.27 -31.64 2.10
N ALA C 203 30.99 -30.56 1.80
CA ALA C 203 31.97 -29.91 2.69
C ALA C 203 31.37 -29.79 4.11
N SER C 204 30.11 -29.34 4.19
CA SER C 204 29.32 -29.19 5.44
C SER C 204 28.91 -30.57 5.98
N ALA C 205 28.58 -31.52 5.09
CA ALA C 205 28.18 -32.90 5.42
C ALA C 205 29.34 -33.62 6.11
N LYS C 206 30.52 -33.65 5.47
CA LYS C 206 31.75 -34.31 6.00
C LYS C 206 32.21 -33.61 7.29
N ALA C 207 32.06 -32.28 7.36
CA ALA C 207 32.47 -31.43 8.50
C ALA C 207 31.76 -31.88 9.77
N ILE C 208 30.42 -31.96 9.74
CA ILE C 208 29.57 -32.34 10.91
C ILE C 208 29.79 -33.82 11.24
N LEU C 209 30.04 -34.66 10.23
CA LEU C 209 30.13 -36.14 10.36
C LEU C 209 31.50 -36.52 10.97
N GLU C 210 32.59 -36.07 10.35
CA GLU C 210 33.97 -36.52 10.64
C GLU C 210 34.57 -35.73 11.82
N GLU C 211 34.40 -34.40 11.83
CA GLU C 211 35.07 -33.48 12.79
C GLU C 211 34.19 -33.26 14.02
N GLN C 212 32.97 -32.73 13.84
CA GLN C 212 32.08 -32.26 14.95
C GLN C 212 31.48 -33.45 15.71
N GLY C 213 31.47 -34.64 15.10
CA GLY C 213 31.04 -35.89 15.75
C GLY C 213 29.58 -36.21 15.46
N GLY C 214 29.25 -36.40 14.18
CA GLY C 214 27.92 -36.83 13.72
C GLY C 214 26.87 -35.73 13.86
N PRO C 215 25.57 -36.05 13.60
CA PRO C 215 24.49 -35.06 13.67
C PRO C 215 23.98 -34.78 15.10
N ALA C 216 24.60 -35.38 16.11
CA ALA C 216 24.33 -35.11 17.55
C ALA C 216 24.82 -33.69 17.92
N TRP C 217 25.78 -33.16 17.16
CA TRP C 217 26.33 -31.78 17.29
C TRP C 217 25.21 -30.75 17.09
N LEU C 218 24.36 -30.95 16.08
CA LEU C 218 23.22 -30.06 15.74
C LEU C 218 22.21 -30.02 16.89
N GLN C 219 22.08 -31.11 17.65
CA GLN C 219 21.13 -31.22 18.81
C GLN C 219 21.72 -30.45 20.00
N GLN C 220 23.05 -30.43 20.13
CA GLN C 220 23.80 -29.64 21.16
C GLN C 220 23.50 -28.15 20.96
N LEU C 221 23.45 -27.69 19.71
CA LEU C 221 23.21 -26.27 19.33
C LEU C 221 21.78 -25.87 19.71
N ARG C 222 20.84 -26.85 19.73
CA ARG C 222 19.43 -26.65 20.14
C ARG C 222 19.36 -26.29 21.63
N VAL C 223 20.32 -26.79 22.43
CA VAL C 223 20.45 -26.53 23.89
C VAL C 223 21.33 -25.30 24.13
N ALA C 224 22.30 -25.04 23.25
CA ALA C 224 23.23 -23.88 23.31
C ALA C 224 22.45 -22.58 23.17
N PRO C 225 22.88 -21.47 23.82
CA PRO C 225 22.22 -20.18 23.67
C PRO C 225 22.38 -19.60 22.25
N TYR C 226 21.44 -18.72 21.86
CA TYR C 226 21.27 -18.18 20.48
C TYR C 226 22.60 -17.72 19.89
N GLU C 227 23.29 -16.80 20.59
CA GLU C 227 24.55 -16.16 20.14
C GLU C 227 25.59 -17.22 19.75
N GLU C 228 25.70 -18.29 20.54
CA GLU C 228 26.69 -19.40 20.34
C GLU C 228 26.30 -20.22 19.10
N ALA C 229 25.02 -20.63 19.02
CA ALA C 229 24.48 -21.51 17.95
C ALA C 229 24.68 -20.85 16.57
N HIS C 230 24.37 -19.55 16.48
CA HIS C 230 24.48 -18.74 15.23
C HIS C 230 25.95 -18.64 14.79
N LYS C 231 26.86 -18.43 15.75
CA LYS C 231 28.32 -18.34 15.52
C LYS C 231 28.85 -19.69 15.05
N ALA C 232 28.40 -20.78 15.68
CA ALA C 232 28.83 -22.18 15.42
C ALA C 232 28.41 -22.61 14.01
N LEU C 233 27.22 -22.21 13.56
CA LEU C 233 26.67 -22.54 12.21
C LEU C 233 27.49 -21.83 11.13
N CYS C 234 27.81 -20.55 11.33
CA CYS C 234 28.52 -19.67 10.36
C CYS C 234 29.90 -20.25 10.01
N THR C 235 30.45 -21.12 10.85
CA THR C 235 31.70 -21.89 10.61
C THR C 235 31.59 -22.70 9.32
N LEU C 236 30.41 -23.29 9.06
CA LEU C 236 30.18 -24.32 8.01
C LEU C 236 30.28 -23.68 6.62
N PRO C 237 30.92 -24.37 5.64
CA PRO C 237 30.95 -23.90 4.26
C PRO C 237 29.55 -23.78 3.63
N GLY C 238 29.24 -22.63 3.03
CA GLY C 238 27.95 -22.33 2.39
C GLY C 238 27.02 -21.56 3.31
N VAL C 239 27.03 -21.90 4.61
CA VAL C 239 26.18 -21.27 5.66
C VAL C 239 26.66 -19.83 5.87
N GLY C 240 25.80 -18.84 5.55
CA GLY C 240 26.02 -17.41 5.83
C GLY C 240 25.33 -17.00 7.11
N ALA C 241 24.90 -15.73 7.20
CA ALA C 241 24.21 -15.14 8.37
C ALA C 241 22.70 -15.35 8.25
N LYS C 242 22.15 -15.26 7.04
CA LYS C 242 20.70 -15.40 6.75
C LYS C 242 20.28 -16.85 7.00
N VAL C 243 20.96 -17.82 6.39
CA VAL C 243 20.66 -19.28 6.48
C VAL C 243 20.78 -19.73 7.94
N ALA C 244 21.85 -19.31 8.64
CA ALA C 244 22.12 -19.64 10.05
C ALA C 244 20.97 -19.15 10.95
N ASP C 245 20.42 -17.97 10.65
CA ASP C 245 19.27 -17.37 11.37
C ASP C 245 18.01 -18.20 11.10
N CYS C 246 17.83 -18.68 9.86
CA CYS C 246 16.69 -19.56 9.45
C CYS C 246 16.76 -20.87 10.24
N ILE C 247 17.91 -21.54 10.23
CA ILE C 247 18.16 -22.83 10.93
C ILE C 247 17.94 -22.63 12.43
N CYS C 248 18.57 -21.59 13.01
CA CYS C 248 18.41 -21.19 14.43
C CYS C 248 16.93 -21.04 14.78
N LEU C 249 16.19 -20.31 13.93
CA LEU C 249 14.75 -19.96 14.14
C LEU C 249 13.87 -21.20 13.96
N MET C 250 14.13 -21.99 12.90
CA MET C 250 13.20 -23.05 12.41
C MET C 250 13.52 -24.41 13.05
N ALA C 251 14.79 -24.67 13.40
CA ALA C 251 15.27 -26.01 13.84
C ALA C 251 15.80 -25.97 15.29
N LEU C 252 16.66 -25.01 15.62
CA LEU C 252 17.46 -25.02 16.88
C LEU C 252 16.75 -24.26 18.01
N ASP C 253 15.42 -24.07 17.91
CA ASP C 253 14.57 -23.48 18.99
C ASP C 253 15.14 -22.11 19.40
N LYS C 254 15.07 -21.12 18.51
CA LYS C 254 15.50 -19.72 18.77
C LYS C 254 14.43 -18.77 18.24
N PRO C 255 13.30 -18.60 18.96
CA PRO C 255 12.23 -17.71 18.49
C PRO C 255 12.64 -16.24 18.31
N GLN C 256 13.75 -15.83 18.93
CA GLN C 256 14.30 -14.44 18.87
C GLN C 256 15.12 -14.25 17.59
N ALA C 257 15.50 -15.32 16.90
CA ALA C 257 16.27 -15.29 15.63
C ALA C 257 15.40 -14.64 14.54
N VAL C 258 15.97 -13.68 13.80
CA VAL C 258 15.27 -12.88 12.75
C VAL C 258 16.15 -12.87 11.50
N PRO C 259 15.93 -13.80 10.53
CA PRO C 259 16.72 -13.82 9.29
C PRO C 259 16.49 -12.54 8.46
N VAL C 260 17.58 -11.96 7.93
CA VAL C 260 17.56 -10.65 7.20
C VAL C 260 18.21 -10.85 5.82
N ASP C 261 17.40 -10.72 4.75
CA ASP C 261 17.83 -10.65 3.34
C ASP C 261 17.46 -9.26 2.79
N VAL C 262 16.80 -9.18 1.63
CA VAL C 262 16.45 -7.90 0.94
C VAL C 262 14.93 -7.66 0.99
N HIS C 263 14.12 -8.72 1.20
CA HIS C 263 12.63 -8.65 1.26
C HIS C 263 12.18 -8.06 2.59
N VAL C 264 12.88 -8.38 3.69
CA VAL C 264 12.59 -7.84 5.06
C VAL C 264 13.04 -6.37 5.09
N TRP C 265 14.16 -6.05 4.45
CA TRP C 265 14.64 -4.66 4.20
C TRP C 265 13.51 -3.82 3.62
N GLN C 266 12.82 -4.34 2.58
CA GLN C 266 11.72 -3.68 1.85
C GLN C 266 10.58 -3.36 2.81
N ILE C 267 10.12 -4.35 3.58
CA ILE C 267 9.02 -4.23 4.58
C ILE C 267 9.44 -3.25 5.68
N ALA C 268 10.64 -3.46 6.24
CA ALA C 268 11.22 -2.61 7.31
C ALA C 268 11.23 -1.15 6.88
N HIS C 269 11.67 -0.87 5.65
CA HIS C 269 11.77 0.49 5.08
C HIS C 269 10.36 1.02 4.79
N ARG C 270 9.54 0.28 4.05
CA ARG C 270 8.22 0.76 3.55
C ARG C 270 7.24 0.90 4.74
N ASP C 271 7.15 -0.12 5.59
CA ASP C 271 6.05 -0.28 6.58
C ASP C 271 6.48 0.21 7.98
N TYR C 272 7.78 0.30 8.27
CA TYR C 272 8.31 0.75 9.59
C TYR C 272 9.22 1.98 9.43
N GLY C 273 9.43 2.46 8.21
CA GLY C 273 10.26 3.65 7.91
C GLY C 273 11.68 3.51 8.45
N TRP C 274 12.22 2.30 8.46
CA TRP C 274 13.58 1.99 9.01
C TRP C 274 14.65 2.32 7.97
N HIS C 275 15.74 2.97 8.41
CA HIS C 275 16.99 3.18 7.64
C HIS C 275 18.17 2.74 8.50
N PRO C 276 19.30 2.30 7.89
CA PRO C 276 20.52 2.05 8.65
C PRO C 276 20.90 3.25 9.52
N LYS C 277 20.57 3.18 10.82
CA LYS C 277 20.79 4.26 11.82
C LYS C 277 22.29 4.44 12.07
N THR C 278 23.10 3.39 11.82
CA THR C 278 24.57 3.42 11.93
C THR C 278 25.16 4.26 10.77
N SER C 279 24.50 4.24 9.61
CA SER C 279 24.82 5.06 8.40
C SER C 279 26.16 4.61 7.80
N GLN C 280 26.12 3.98 6.62
CA GLN C 280 27.32 3.51 5.87
C GLN C 280 27.15 3.86 4.39
N GLY C 283 22.03 0.74 1.74
CA GLY C 283 21.89 -0.59 1.12
C GLY C 283 22.21 -1.72 2.10
N PRO C 284 21.86 -2.99 1.77
CA PRO C 284 22.15 -4.12 2.65
C PRO C 284 23.65 -4.35 2.88
N SER C 285 24.00 -4.83 4.09
CA SER C 285 25.40 -5.10 4.52
C SER C 285 25.41 -5.89 5.83
N PRO C 286 26.48 -6.66 6.11
CA PRO C 286 26.62 -7.38 7.38
C PRO C 286 26.23 -6.56 8.63
N LEU C 287 26.72 -5.32 8.74
CA LEU C 287 26.54 -4.43 9.91
C LEU C 287 25.07 -4.00 10.03
N ALA C 288 24.48 -3.56 8.92
CA ALA C 288 23.09 -3.06 8.83
C ALA C 288 22.10 -4.21 9.10
N ASN C 289 22.39 -5.41 8.57
CA ASN C 289 21.51 -6.61 8.65
C ASN C 289 21.32 -7.01 10.12
N LYS C 290 22.36 -6.93 10.95
CA LYS C 290 22.30 -7.25 12.40
C LYS C 290 21.43 -6.21 13.11
N GLU C 291 21.64 -4.93 12.81
CA GLU C 291 20.87 -3.79 13.40
C GLU C 291 19.38 -3.97 13.10
N LEU C 292 19.06 -4.39 11.87
CA LEU C 292 17.66 -4.67 11.42
C LEU C 292 17.11 -5.86 12.21
N GLY C 293 17.93 -6.90 12.44
CA GLY C 293 17.59 -8.06 13.27
C GLY C 293 17.32 -7.65 14.71
N ASN C 294 18.18 -6.80 15.28
CA ASN C 294 18.08 -6.28 16.67
C ASN C 294 16.88 -5.35 16.79
N PHE C 295 16.61 -4.55 15.75
CA PHE C 295 15.45 -3.61 15.67
C PHE C 295 14.15 -4.39 15.88
N PHE C 296 14.00 -5.52 15.16
CA PHE C 296 12.79 -6.38 15.20
C PHE C 296 12.73 -7.16 16.52
N ARG C 297 13.88 -7.63 17.02
CA ARG C 297 14.01 -8.29 18.35
C ARG C 297 13.53 -7.32 19.44
N ASN C 298 13.97 -6.05 19.40
CA ASN C 298 13.68 -5.01 20.41
C ASN C 298 12.21 -4.60 20.36
N LEU C 299 11.59 -4.62 19.17
CA LEU C 299 10.18 -4.20 18.95
C LEU C 299 9.22 -5.33 19.39
N TRP C 300 9.43 -6.54 18.88
CA TRP C 300 8.51 -7.70 19.05
C TRP C 300 8.81 -8.44 20.35
N GLY C 301 10.09 -8.60 20.70
CA GLY C 301 10.55 -9.25 21.95
C GLY C 301 11.22 -10.60 21.67
N PRO C 302 11.02 -11.62 22.54
CA PRO C 302 11.74 -12.89 22.43
C PRO C 302 11.23 -13.80 21.29
N TYR C 303 9.98 -13.64 20.88
CA TYR C 303 9.35 -14.35 19.72
C TYR C 303 9.31 -13.38 18.52
N ALA C 304 10.49 -12.97 18.05
CA ALA C 304 10.65 -11.97 16.96
C ALA C 304 10.53 -12.64 15.59
N GLY C 305 11.22 -13.78 15.40
CA GLY C 305 11.18 -14.58 14.16
C GLY C 305 9.79 -15.13 13.88
N TRP C 306 9.05 -15.50 14.93
CA TRP C 306 7.62 -15.94 14.86
C TRP C 306 6.75 -14.81 14.33
N ALA C 307 7.03 -13.56 14.74
CA ALA C 307 6.31 -12.34 14.30
C ALA C 307 6.62 -12.06 12.82
N GLN C 308 7.88 -12.21 12.42
CA GLN C 308 8.35 -12.04 11.01
C GLN C 308 7.62 -13.03 10.11
N ALA C 309 7.47 -14.29 10.57
CA ALA C 309 6.75 -15.39 9.86
C ALA C 309 5.33 -14.96 9.51
N VAL C 310 4.69 -14.17 10.38
CA VAL C 310 3.29 -13.65 10.17
C VAL C 310 3.32 -12.62 9.04
N LEU C 311 4.24 -11.65 9.11
CA LEU C 311 4.42 -10.58 8.08
C LEU C 311 4.82 -11.21 6.75
N PHE C 312 5.81 -12.12 6.78
CA PHE C 312 6.35 -12.86 5.61
C PHE C 312 5.22 -13.60 4.90
N SER C 313 4.37 -14.29 5.67
CA SER C 313 3.27 -15.17 5.18
C SER C 313 2.11 -14.34 4.60
N ALA C 314 2.06 -13.03 4.90
CA ALA C 314 1.05 -12.09 4.38
C ALA C 314 1.48 -11.56 3.00
N ASP C 315 2.78 -11.37 2.79
CA ASP C 315 3.36 -10.68 1.60
C ASP C 315 3.61 -11.68 0.45
N LEU C 316 3.11 -12.91 0.53
CA LEU C 316 3.14 -13.89 -0.58
C LEU C 316 1.73 -14.42 -0.88
N ARG C 317 0.71 -14.00 -0.11
CA ARG C 317 -0.72 -14.37 -0.28
C ARG C 317 -1.59 -13.12 -0.17
C10 AUS D . -7.80 14.34 12.20
C13 AUS D . -6.56 9.74 17.60
C15 AUS D . -5.99 8.34 17.82
C17 AUS D . -5.68 6.34 17.12
O01 AUS D . -4.50 10.57 16.74
C02 AUS D . -5.70 10.65 16.71
N03 AUS D . -6.36 11.61 15.83
C04 AUS D . -5.59 12.50 14.96
N05 AUS D . -4.26 12.76 15.04
O06 AUS D . -3.95 13.63 14.03
C07 AUS D . -5.07 13.93 13.31
C08 AUS D . -6.11 13.25 13.86
C09 AUS D . -7.55 13.32 13.32
C11 AUS D . -6.70 15.43 12.03
C12 AUS D . -5.27 14.87 12.09
C14 AUS D . -5.96 9.36 18.96
C16 AUS D . -4.89 7.30 18.02
C18 AUS D . -6.90 7.24 17.25
NI NI E . 13.40 6.14 3.13
C10 AUS F . 4.04 6.32 -19.84
C13 AUS F . 1.26 12.80 -18.30
C15 AUS F . 0.71 13.31 -16.96
C17 AUS F . -0.34 13.04 -15.09
O01 AUS F . 3.62 12.79 -18.05
C02 AUS F . 2.65 12.13 -18.22
N03 AUS F . 2.74 10.67 -18.36
C04 AUS F . 4.05 9.99 -18.29
N05 AUS F . 5.20 10.49 -17.79
O06 AUS F . 6.17 9.52 -17.93
C07 AUS F . 5.63 8.41 -18.51
C08 AUS F . 4.31 8.65 -18.75
C09 AUS F . 3.36 7.63 -19.39
C11 AUS F . 5.24 5.92 -18.97
C12 AUS F . 6.29 7.05 -18.86
C14 AUS F . 1.22 14.29 -18.01
C16 AUS F . 0.76 13.99 -15.59
C18 AUS F . -0.57 12.57 -16.53
C10 AUS G . 9.52 -17.79 8.21
C13 AUS G . 12.62 -19.09 1.86
C15 AUS G . 12.94 -18.53 0.47
C17 AUS G . 12.43 -17.46 -1.34
O01 AUS G . 13.68 -17.29 2.98
C02 AUS G . 12.89 -18.16 3.05
N03 AUS G . 12.13 -18.39 4.30
C04 AUS G . 12.35 -17.54 5.47
N05 AUS G . 13.46 -16.82 5.75
O06 AUS G . 13.25 -16.19 6.95
C07 AUS G . 12.03 -16.50 7.44
C08 AUS G . 11.43 -17.35 6.55
C09 AUS G . 10.02 -17.94 6.78
C11 AUS G . 9.83 -16.42 8.82
C12 AUS G . 11.33 -16.06 8.76
C14 AUS G . 13.87 -19.58 1.11
C16 AUS G . 13.73 -17.74 -0.59
C18 AUS G . 11.69 -18.44 -0.42
#